data_1EMX
#
_entry.id   1EMX
#
_cell.length_a   1.000
_cell.length_b   1.000
_cell.length_c   1.000
_cell.angle_alpha   90.00
_cell.angle_beta   90.00
_cell.angle_gamma   90.00
#
_symmetry.space_group_name_H-M   'P 1'
#
_entity_poly.entity_id   1
_entity_poly.type   'polypeptide(L)'
_entity_poly.pdbx_seq_one_letter_code
;DDCGKLFSGCDTNADCCEGYVCRLWCKLDW
;
_entity_poly.pdbx_strand_id   A
#
# COMPACT_ATOMS: atom_id res chain seq x y z
N ASP A 1 -11.48 -1.08 -5.61
CA ASP A 1 -12.06 -0.36 -4.45
C ASP A 1 -11.32 -0.68 -3.16
N ASP A 2 -11.21 -1.98 -2.86
CA ASP A 2 -10.53 -2.43 -1.66
C ASP A 2 -9.04 -2.09 -1.72
N CYS A 3 -8.46 -2.24 -2.91
CA CYS A 3 -7.04 -1.96 -3.14
C CYS A 3 -6.16 -2.49 -2.00
N GLY A 4 -4.86 -2.18 -2.07
CA GLY A 4 -3.93 -2.64 -1.08
C GLY A 4 -4.33 -2.27 0.33
N LYS A 5 -3.61 -2.84 1.29
CA LYS A 5 -3.87 -2.59 2.70
C LYS A 5 -2.64 -1.99 3.37
N LEU A 6 -2.77 -1.66 4.65
CA LEU A 6 -1.66 -1.09 5.42
C LEU A 6 -0.55 -2.11 5.61
N PHE A 7 0.65 -1.80 5.12
CA PHE A 7 1.80 -2.70 5.25
C PHE A 7 1.68 -3.92 4.32
N SER A 8 0.58 -4.00 3.58
CA SER A 8 0.36 -5.12 2.67
C SER A 8 1.28 -5.03 1.47
N GLY A 9 2.56 -5.30 1.71
CA GLY A 9 3.56 -5.26 0.63
C GLY A 9 3.26 -4.22 -0.43
N CYS A 10 3.65 -4.51 -1.66
CA CYS A 10 3.42 -3.61 -2.78
C CYS A 10 2.88 -4.37 -3.98
N ASP A 11 1.59 -4.65 -3.97
CA ASP A 11 0.94 -5.38 -5.05
C ASP A 11 0.87 -4.52 -6.32
N THR A 12 0.69 -5.19 -7.46
CA THR A 12 0.60 -4.50 -8.74
C THR A 12 -0.70 -3.71 -8.86
N ASN A 13 -1.77 -4.42 -9.17
CA ASN A 13 -3.09 -3.80 -9.32
C ASN A 13 -3.56 -3.21 -8.00
N ALA A 14 -3.50 -4.02 -6.94
CA ALA A 14 -3.93 -3.58 -5.61
C ALA A 14 -2.97 -2.55 -4.99
N ASP A 15 -2.09 -1.98 -5.82
CA ASP A 15 -1.09 -0.99 -5.39
C ASP A 15 -1.67 -0.03 -4.38
N CYS A 16 -1.96 -0.60 -3.22
CA CYS A 16 -2.54 0.12 -2.07
C CYS A 16 -2.92 1.56 -2.38
N CYS A 17 -4.22 1.84 -2.28
CA CYS A 17 -4.75 3.19 -2.54
C CYS A 17 -3.84 4.28 -1.98
N GLU A 18 -4.03 5.50 -2.47
CA GLU A 18 -3.23 6.64 -2.04
C GLU A 18 -3.40 6.94 -0.55
N GLY A 19 -2.29 6.89 0.17
CA GLY A 19 -2.31 7.15 1.60
C GLY A 19 -1.00 6.76 2.25
N TYR A 20 -0.61 5.51 2.01
CA TYR A 20 0.62 4.97 2.54
C TYR A 20 1.69 4.93 1.46
N VAL A 21 2.89 4.48 1.81
CA VAL A 21 3.99 4.42 0.86
C VAL A 21 4.15 3.02 0.28
N CYS A 22 5.16 2.83 -0.56
CA CYS A 22 5.42 1.53 -1.18
C CYS A 22 6.76 0.97 -0.75
N ARG A 23 7.18 1.33 0.45
CA ARG A 23 8.44 0.85 1.00
C ARG A 23 8.34 -0.63 1.32
N LEU A 24 9.14 -1.12 2.27
CA LEU A 24 9.09 -2.53 2.66
C LEU A 24 7.64 -2.96 2.88
N TRP A 25 6.81 -2.01 3.30
CA TRP A 25 5.40 -2.25 3.54
C TRP A 25 4.58 -1.09 3.02
N CYS A 26 3.28 -1.31 2.86
CA CYS A 26 2.39 -0.26 2.43
C CYS A 26 1.93 0.53 3.65
N LYS A 27 2.90 0.88 4.49
CA LYS A 27 2.67 1.62 5.72
C LYS A 27 2.33 3.08 5.45
N LEU A 28 1.78 3.75 6.46
CA LEU A 28 1.44 5.16 6.34
C LEU A 28 2.63 5.95 5.84
N ASP A 29 2.35 7.17 5.38
CA ASP A 29 3.38 8.06 4.86
C ASP A 29 4.48 8.31 5.88
N TRP A 30 5.35 7.32 6.07
CA TRP A 30 6.44 7.43 7.02
C TRP A 30 7.49 8.43 6.54
N ASP A 1 -10.80 0.35 -4.79
CA ASP A 1 -11.36 0.39 -3.41
C ASP A 1 -10.52 -0.43 -2.44
N ASP A 2 -10.21 -1.66 -2.82
CA ASP A 2 -9.42 -2.54 -1.98
C ASP A 2 -8.00 -2.01 -1.83
N CYS A 3 -7.21 -2.12 -2.90
CA CYS A 3 -5.82 -1.66 -2.92
C CYS A 3 -5.05 -2.05 -1.66
N GLY A 4 -3.74 -1.82 -1.68
CA GLY A 4 -2.90 -2.16 -0.57
C GLY A 4 -3.49 -1.79 0.78
N LYS A 5 -2.85 -2.27 1.84
CA LYS A 5 -3.28 -2.00 3.20
C LYS A 5 -2.08 -1.81 4.11
N LEU A 6 -2.33 -1.41 5.35
CA LEU A 6 -1.26 -1.18 6.32
C LEU A 6 -0.22 -2.31 6.30
N PHE A 7 0.89 -2.08 5.59
CA PHE A 7 1.97 -3.08 5.50
C PHE A 7 1.59 -4.24 4.57
N SER A 8 0.40 -4.19 3.99
CA SER A 8 -0.06 -5.24 3.10
C SER A 8 0.72 -5.24 1.78
N GLY A 9 1.99 -5.64 1.87
CA GLY A 9 2.85 -5.69 0.69
C GLY A 9 2.54 -4.62 -0.34
N CYS A 10 2.75 -4.96 -1.60
CA CYS A 10 2.50 -4.03 -2.70
C CYS A 10 2.17 -4.79 -3.99
N ASP A 11 0.92 -5.20 -4.13
CA ASP A 11 0.48 -5.94 -5.31
C ASP A 11 0.46 -5.06 -6.55
N THR A 12 0.07 -5.64 -7.68
CA THR A 12 0.01 -4.91 -8.94
C THR A 12 -1.13 -3.88 -8.92
N ASN A 13 -2.33 -4.34 -9.28
CA ASN A 13 -3.50 -3.46 -9.30
C ASN A 13 -3.68 -2.76 -7.97
N ALA A 14 -3.77 -3.55 -6.90
CA ALA A 14 -3.92 -3.03 -5.54
C ALA A 14 -2.64 -2.36 -5.05
N ASP A 15 -1.85 -1.84 -6.00
CA ASP A 15 -0.56 -1.19 -5.72
C ASP A 15 -0.67 -0.09 -4.67
N CYS A 16 -1.18 -0.47 -3.51
CA CYS A 16 -1.31 0.44 -2.39
C CYS A 16 -2.21 1.64 -2.72
N CYS A 17 -3.24 1.80 -1.91
CA CYS A 17 -4.18 2.90 -2.06
C CYS A 17 -3.44 4.24 -2.12
N GLU A 18 -4.14 5.28 -2.57
CA GLU A 18 -3.56 6.61 -2.67
C GLU A 18 -3.32 7.24 -1.29
N GLY A 19 -2.55 6.57 -0.44
CA GLY A 19 -2.27 7.09 0.89
C GLY A 19 -0.90 6.66 1.37
N TYR A 20 -0.75 5.36 1.63
CA TYR A 20 0.50 4.81 2.08
C TYR A 20 1.49 4.67 0.92
N VAL A 21 2.76 4.47 1.24
CA VAL A 21 3.79 4.33 0.21
C VAL A 21 3.84 2.89 -0.31
N CYS A 22 4.91 2.57 -1.03
CA CYS A 22 5.07 1.22 -1.59
C CYS A 22 6.42 0.64 -1.24
N ARG A 23 6.93 1.00 -0.06
CA ARG A 23 8.21 0.49 0.41
C ARG A 23 8.09 -0.98 0.75
N LEU A 24 8.96 -1.49 1.63
CA LEU A 24 8.91 -2.90 2.02
C LEU A 24 7.48 -3.31 2.35
N TRP A 25 6.69 -2.34 2.83
CA TRP A 25 5.30 -2.56 3.16
C TRP A 25 4.45 -1.40 2.72
N CYS A 26 3.14 -1.58 2.80
CA CYS A 26 2.22 -0.52 2.45
C CYS A 26 2.11 0.39 3.67
N LYS A 27 3.23 1.02 3.98
CA LYS A 27 3.37 1.91 5.13
C LYS A 27 2.63 3.23 4.94
N LEU A 28 1.93 3.66 5.98
CA LEU A 28 1.20 4.92 5.94
C LEU A 28 2.17 6.08 5.94
N ASP A 29 1.66 7.23 5.55
CA ASP A 29 2.47 8.45 5.48
C ASP A 29 2.99 8.84 6.86
N TRP A 30 3.99 8.09 7.33
CA TRP A 30 4.59 8.34 8.63
C TRP A 30 5.39 9.64 8.63
N ASP A 1 -10.41 -1.72 -5.87
CA ASP A 1 -10.95 -0.87 -4.77
C ASP A 1 -10.25 -1.17 -3.44
N ASP A 2 -10.06 -2.45 -3.15
CA ASP A 2 -9.41 -2.87 -1.92
C ASP A 2 -8.02 -2.24 -1.79
N CYS A 3 -7.26 -2.26 -2.89
CA CYS A 3 -5.91 -1.70 -2.94
C CYS A 3 -5.10 -2.04 -1.69
N GLY A 4 -3.86 -1.55 -1.66
CA GLY A 4 -2.98 -1.82 -0.56
C GLY A 4 -3.65 -1.70 0.80
N LYS A 5 -2.93 -2.13 1.83
CA LYS A 5 -3.43 -2.08 3.19
C LYS A 5 -2.30 -1.66 4.14
N LEU A 6 -2.51 -1.85 5.43
CA LEU A 6 -1.50 -1.49 6.42
C LEU A 6 -0.30 -2.43 6.36
N PHE A 7 0.76 -2.04 5.63
CA PHE A 7 1.96 -2.88 5.53
C PHE A 7 1.74 -4.10 4.64
N SER A 8 0.54 -4.20 4.04
CA SER A 8 0.22 -5.33 3.18
C SER A 8 1.01 -5.27 1.87
N GLY A 9 2.30 -5.49 1.97
CA GLY A 9 3.18 -5.49 0.81
C GLY A 9 2.71 -4.57 -0.32
N CYS A 10 3.00 -4.98 -1.54
CA CYS A 10 2.60 -4.21 -2.71
C CYS A 10 2.07 -5.12 -3.81
N ASP A 11 0.75 -5.31 -3.82
CA ASP A 11 0.10 -6.17 -4.81
C ASP A 11 0.14 -5.53 -6.20
N THR A 12 -0.80 -5.92 -7.07
CA THR A 12 -0.88 -5.39 -8.43
C THR A 12 -1.03 -3.87 -8.41
N ASN A 13 -1.53 -3.30 -9.51
CA ASN A 13 -1.73 -1.86 -9.62
C ASN A 13 -2.27 -1.28 -8.32
N ALA A 14 -3.18 -2.01 -7.69
CA ALA A 14 -3.78 -1.59 -6.42
C ALA A 14 -2.77 -1.69 -5.27
N ASP A 15 -1.49 -1.60 -5.60
CA ASP A 15 -0.42 -1.69 -4.61
C ASP A 15 -0.78 -1.00 -3.31
N CYS A 16 -1.03 0.31 -3.39
CA CYS A 16 -1.38 1.08 -2.21
C CYS A 16 -2.18 2.33 -2.58
N CYS A 17 -3.41 2.40 -2.07
CA CYS A 17 -4.28 3.54 -2.34
C CYS A 17 -3.61 4.85 -1.92
N GLU A 18 -4.31 5.95 -2.11
CA GLU A 18 -3.79 7.28 -1.77
C GLU A 18 -3.71 7.49 -0.26
N GLY A 19 -2.91 6.66 0.42
CA GLY A 19 -2.76 6.79 1.85
C GLY A 19 -1.39 6.33 2.31
N TYR A 20 -1.16 5.03 2.19
CA TYR A 20 0.10 4.43 2.57
C TYR A 20 1.04 4.37 1.37
N VAL A 21 2.32 4.12 1.63
CA VAL A 21 3.32 4.06 0.56
C VAL A 21 3.51 2.64 0.05
N CYS A 22 4.38 2.46 -0.94
CA CYS A 22 4.65 1.16 -1.51
C CYS A 22 6.08 0.70 -1.21
N ARG A 23 6.60 1.17 -0.09
CA ARG A 23 7.95 0.81 0.33
C ARG A 23 7.99 -0.66 0.75
N LEU A 24 8.89 -1.02 1.66
CA LEU A 24 8.97 -2.40 2.14
C LEU A 24 7.59 -2.92 2.51
N TRP A 25 6.72 -1.99 2.93
CA TRP A 25 5.35 -2.33 3.30
C TRP A 25 4.40 -1.25 2.82
N CYS A 26 3.12 -1.55 2.89
CA CYS A 26 2.09 -0.61 2.52
C CYS A 26 1.73 0.21 3.75
N LYS A 27 2.76 0.69 4.42
CA LYS A 27 2.64 1.48 5.63
C LYS A 27 2.15 2.90 5.33
N LEU A 28 1.68 3.57 6.37
CA LEU A 28 1.21 4.95 6.23
C LEU A 28 2.27 5.80 5.54
N ASP A 29 1.83 6.95 5.07
CA ASP A 29 2.71 7.89 4.38
C ASP A 29 3.90 8.27 5.24
N TRP A 30 4.86 7.37 5.34
CA TRP A 30 6.07 7.61 6.13
C TRP A 30 6.95 8.67 5.48
N ASP A 1 -10.65 0.20 -5.13
CA ASP A 1 -11.27 0.43 -3.79
C ASP A 1 -10.49 -0.29 -2.69
N ASP A 2 -10.22 -1.57 -2.92
CA ASP A 2 -9.49 -2.37 -1.94
C ASP A 2 -8.05 -1.87 -1.80
N CYS A 3 -7.29 -1.98 -2.89
CA CYS A 3 -5.89 -1.55 -2.92
C CYS A 3 -5.10 -1.98 -1.69
N GLY A 4 -3.79 -1.76 -1.71
CA GLY A 4 -2.95 -2.14 -0.62
C GLY A 4 -3.51 -1.78 0.75
N LYS A 5 -2.86 -2.30 1.79
CA LYS A 5 -3.27 -2.04 3.17
C LYS A 5 -2.05 -1.82 4.05
N LEU A 6 -2.29 -1.41 5.29
CA LEU A 6 -1.20 -1.17 6.24
C LEU A 6 -0.17 -2.30 6.22
N PHE A 7 0.96 -2.07 5.53
CA PHE A 7 2.03 -3.08 5.46
C PHE A 7 1.66 -4.24 4.53
N SER A 8 0.48 -4.16 3.91
CA SER A 8 0.02 -5.21 3.01
C SER A 8 0.83 -5.22 1.71
N GLY A 9 2.09 -5.62 1.83
CA GLY A 9 2.98 -5.70 0.67
C GLY A 9 2.68 -4.66 -0.40
N CYS A 10 2.92 -5.04 -1.65
CA CYS A 10 2.68 -4.17 -2.78
C CYS A 10 2.18 -4.96 -3.99
N ASP A 11 0.88 -5.20 -4.03
CA ASP A 11 0.27 -5.95 -5.13
C ASP A 11 0.28 -5.14 -6.42
N THR A 12 -0.13 -5.79 -7.52
CA THR A 12 -0.17 -5.13 -8.82
C THR A 12 -1.25 -4.06 -8.86
N ASN A 13 -2.47 -4.47 -9.21
CA ASN A 13 -3.60 -3.55 -9.28
C ASN A 13 -3.77 -2.81 -7.96
N ALA A 14 -3.89 -3.57 -6.87
CA ALA A 14 -4.04 -3.00 -5.54
C ALA A 14 -2.73 -2.36 -5.05
N ASP A 15 -1.93 -1.87 -6.01
CA ASP A 15 -0.63 -1.25 -5.75
C ASP A 15 -0.71 -0.14 -4.71
N CYS A 16 -1.21 -0.50 -3.54
CA CYS A 16 -1.31 0.41 -2.42
C CYS A 16 -2.19 1.62 -2.74
N CYS A 17 -3.19 1.82 -1.89
CA CYS A 17 -4.12 2.94 -2.03
C CYS A 17 -3.36 4.27 -2.09
N GLU A 18 -4.04 5.31 -2.55
CA GLU A 18 -3.43 6.63 -2.67
C GLU A 18 -3.19 7.27 -1.29
N GLY A 19 -2.45 6.58 -0.43
CA GLY A 19 -2.16 7.11 0.89
C GLY A 19 -0.82 6.65 1.39
N TYR A 20 -0.71 5.35 1.66
CA TYR A 20 0.53 4.77 2.15
C TYR A 20 1.50 4.56 1.00
N VAL A 21 2.79 4.45 1.33
CA VAL A 21 3.82 4.24 0.33
C VAL A 21 3.88 2.78 -0.11
N CYS A 22 4.79 2.47 -1.03
CA CYS A 22 4.93 1.12 -1.52
C CYS A 22 6.32 0.57 -1.25
N ARG A 23 6.91 0.97 -0.13
CA ARG A 23 8.23 0.51 0.26
C ARG A 23 8.17 -0.96 0.65
N LEU A 24 9.02 -1.39 1.59
CA LEU A 24 9.01 -2.78 2.04
C LEU A 24 7.58 -3.21 2.37
N TRP A 25 6.77 -2.24 2.79
CA TRP A 25 5.37 -2.48 3.12
C TRP A 25 4.52 -1.31 2.68
N CYS A 26 3.21 -1.50 2.77
CA CYS A 26 2.28 -0.46 2.44
C CYS A 26 2.15 0.44 3.66
N LYS A 27 3.26 1.07 4.00
CA LYS A 27 3.38 1.94 5.16
C LYS A 27 2.62 3.26 4.98
N LEU A 28 1.92 3.66 6.02
CA LEU A 28 1.18 4.91 6.01
C LEU A 28 2.13 6.10 6.02
N ASP A 29 1.61 7.25 5.63
CA ASP A 29 2.39 8.48 5.59
C ASP A 29 2.87 8.86 6.97
N TRP A 30 3.85 8.14 7.48
CA TRP A 30 4.40 8.40 8.80
C TRP A 30 5.20 9.70 8.82
N ASP A 1 -10.78 0.16 -4.95
CA ASP A 1 -11.37 0.17 -3.58
C ASP A 1 -10.52 -0.65 -2.61
N ASP A 2 -10.07 -1.81 -3.06
CA ASP A 2 -9.24 -2.68 -2.24
C ASP A 2 -7.89 -2.05 -1.95
N CYS A 3 -7.04 -1.98 -2.98
CA CYS A 3 -5.70 -1.39 -2.88
C CYS A 3 -4.95 -1.84 -1.64
N GLY A 4 -3.63 -1.66 -1.65
CA GLY A 4 -2.80 -2.05 -0.55
C GLY A 4 -3.38 -1.70 0.81
N LYS A 5 -2.76 -2.24 1.85
CA LYS A 5 -3.19 -1.97 3.22
C LYS A 5 -1.98 -1.81 4.14
N LEU A 6 -2.23 -1.36 5.36
CA LEU A 6 -1.16 -1.16 6.34
C LEU A 6 -0.16 -2.31 6.35
N PHE A 7 0.96 -2.12 5.65
CA PHE A 7 2.02 -3.16 5.58
C PHE A 7 1.63 -4.32 4.67
N SER A 8 0.44 -4.25 4.09
CA SER A 8 -0.03 -5.31 3.20
C SER A 8 0.73 -5.30 1.88
N GLY A 9 1.99 -5.70 1.95
CA GLY A 9 2.84 -5.74 0.75
C GLY A 9 2.49 -4.69 -0.28
N CYS A 10 2.66 -5.04 -1.55
CA CYS A 10 2.35 -4.14 -2.64
C CYS A 10 2.04 -4.92 -3.92
N ASP A 11 0.77 -5.28 -4.09
CA ASP A 11 0.34 -6.04 -5.26
C ASP A 11 0.40 -5.17 -6.52
N THR A 12 -0.06 -5.73 -7.64
CA THR A 12 -0.07 -5.02 -8.92
C THR A 12 -1.09 -3.90 -8.91
N ASN A 13 -2.33 -4.23 -9.23
CA ASN A 13 -3.41 -3.25 -9.28
C ASN A 13 -3.55 -2.54 -7.93
N ALA A 14 -3.72 -3.33 -6.88
CA ALA A 14 -3.87 -2.80 -5.53
C ALA A 14 -2.55 -2.23 -5.00
N ASP A 15 -1.71 -1.75 -5.93
CA ASP A 15 -0.38 -1.18 -5.62
C ASP A 15 -0.47 -0.05 -4.60
N CYS A 16 -1.06 -0.35 -3.47
CA CYS A 16 -1.20 0.61 -2.38
C CYS A 16 -2.00 1.83 -2.80
N CYS A 17 -3.10 2.03 -2.10
CA CYS A 17 -3.98 3.15 -2.35
C CYS A 17 -3.25 4.48 -2.18
N GLU A 18 -3.93 5.57 -2.54
CA GLU A 18 -3.36 6.91 -2.43
C GLU A 18 -3.22 7.37 -0.98
N GLY A 19 -2.47 6.61 -0.18
CA GLY A 19 -2.28 6.98 1.21
C GLY A 19 -0.94 6.50 1.73
N TYR A 20 -0.82 5.18 1.85
CA TYR A 20 0.41 4.57 2.32
C TYR A 20 1.41 4.40 1.19
N VAL A 21 2.69 4.27 1.54
CA VAL A 21 3.75 4.13 0.55
C VAL A 21 3.81 2.71 0.01
N CYS A 22 4.65 2.49 -1.01
CA CYS A 22 4.80 1.16 -1.60
C CYS A 22 6.18 0.60 -1.34
N ARG A 23 6.76 0.99 -0.21
CA ARG A 23 8.08 0.50 0.17
C ARG A 23 8.01 -0.97 0.54
N LEU A 24 8.90 -1.45 1.42
CA LEU A 24 8.89 -2.84 1.85
C LEU A 24 7.47 -3.26 2.22
N TRP A 25 6.69 -2.29 2.69
CA TRP A 25 5.30 -2.52 3.08
C TRP A 25 4.42 -1.38 2.62
N CYS A 26 3.13 -1.57 2.83
CA CYS A 26 2.17 -0.55 2.51
C CYS A 26 1.95 0.30 3.76
N LYS A 27 3.05 0.87 4.24
CA LYS A 27 3.07 1.69 5.44
C LYS A 27 2.41 3.05 5.20
N LEU A 28 1.73 3.56 6.22
CA LEU A 28 1.07 4.85 6.12
C LEU A 28 2.09 5.95 5.85
N ASP A 29 1.60 7.05 5.29
CA ASP A 29 2.45 8.18 4.96
C ASP A 29 2.97 8.86 6.23
N TRP A 30 3.89 8.19 6.92
CA TRP A 30 4.46 8.73 8.14
C TRP A 30 5.20 10.03 7.87
N ASP A 1 -10.07 -1.42 -6.12
CA ASP A 1 -10.70 -0.66 -5.02
C ASP A 1 -10.11 -1.03 -3.67
N ASP A 2 -9.87 -2.34 -3.47
CA ASP A 2 -9.30 -2.82 -2.22
C ASP A 2 -7.96 -2.14 -1.92
N CYS A 3 -7.13 -2.03 -2.95
CA CYS A 3 -5.81 -1.41 -2.84
C CYS A 3 -5.04 -1.85 -1.60
N GLY A 4 -3.73 -1.61 -1.62
CA GLY A 4 -2.88 -1.98 -0.53
C GLY A 4 -3.47 -1.70 0.84
N LYS A 5 -2.82 -2.23 1.86
CA LYS A 5 -3.27 -2.04 3.24
C LYS A 5 -2.08 -1.82 4.16
N LEU A 6 -2.35 -1.44 5.40
CA LEU A 6 -1.31 -1.18 6.39
C LEU A 6 -0.22 -2.26 6.36
N PHE A 7 0.86 -2.00 5.62
CA PHE A 7 1.99 -2.94 5.52
C PHE A 7 1.65 -4.13 4.62
N SER A 8 0.45 -4.15 4.05
CA SER A 8 0.05 -5.24 3.18
C SER A 8 0.79 -5.21 1.86
N GLY A 9 2.08 -5.49 1.92
CA GLY A 9 2.93 -5.51 0.73
C GLY A 9 2.49 -4.54 -0.35
N CYS A 10 2.71 -4.93 -1.59
CA CYS A 10 2.32 -4.11 -2.73
C CYS A 10 1.99 -4.99 -3.94
N ASP A 11 0.74 -5.40 -4.04
CA ASP A 11 0.28 -6.26 -5.13
C ASP A 11 0.25 -5.49 -6.45
N THR A 12 -0.55 -5.97 -7.41
CA THR A 12 -0.67 -5.34 -8.71
C THR A 12 -1.22 -3.91 -8.58
N ASN A 13 -2.21 -3.60 -9.41
CA ASN A 13 -2.83 -2.27 -9.39
C ASN A 13 -3.11 -1.82 -7.96
N ALA A 14 -3.58 -2.75 -7.14
CA ALA A 14 -3.87 -2.47 -5.74
C ALA A 14 -2.59 -2.27 -4.91
N ASP A 15 -1.49 -1.96 -5.60
CA ASP A 15 -0.20 -1.75 -4.95
C ASP A 15 -0.34 -1.01 -3.63
N CYS A 16 -1.07 0.09 -3.65
CA CYS A 16 -1.28 0.88 -2.44
C CYS A 16 -2.14 2.10 -2.71
N CYS A 17 -3.24 2.19 -1.97
CA CYS A 17 -4.18 3.30 -2.11
C CYS A 17 -3.50 4.63 -1.84
N GLU A 18 -4.24 5.71 -2.12
CA GLU A 18 -3.75 7.07 -1.92
C GLU A 18 -3.61 7.43 -0.44
N GLY A 19 -2.78 6.69 0.28
CA GLY A 19 -2.58 6.97 1.70
C GLY A 19 -1.22 6.52 2.17
N TYR A 20 -1.02 5.22 2.16
CA TYR A 20 0.25 4.63 2.58
C TYR A 20 1.21 4.53 1.39
N VAL A 21 2.49 4.30 1.67
CA VAL A 21 3.49 4.21 0.63
C VAL A 21 3.59 2.79 0.08
N CYS A 22 4.42 2.60 -0.95
CA CYS A 22 4.60 1.29 -1.55
C CYS A 22 6.00 0.75 -1.32
N ARG A 23 6.58 1.13 -0.19
CA ARG A 23 7.92 0.68 0.18
C ARG A 23 7.87 -0.80 0.54
N LEU A 24 8.80 -1.27 1.38
CA LEU A 24 8.81 -2.67 1.79
C LEU A 24 7.41 -3.11 2.22
N TRP A 25 6.64 -2.14 2.72
CA TRP A 25 5.27 -2.39 3.16
C TRP A 25 4.37 -1.25 2.74
N CYS A 26 3.07 -1.47 2.84
CA CYS A 26 2.11 -0.45 2.53
C CYS A 26 1.82 0.36 3.79
N LYS A 27 2.90 0.85 4.40
CA LYS A 27 2.84 1.63 5.62
C LYS A 27 2.29 3.02 5.37
N LEU A 28 1.72 3.63 6.41
CA LEU A 28 1.19 4.98 6.30
C LEU A 28 2.26 5.93 5.78
N ASP A 29 1.80 7.08 5.34
CA ASP A 29 2.69 8.11 4.80
C ASP A 29 3.72 8.55 5.84
N TRP A 30 4.72 7.70 6.06
CA TRP A 30 5.76 7.99 7.03
C TRP A 30 6.67 9.13 6.55
N ASP A 1 -11.28 0.51 -4.54
CA ASP A 1 -11.61 0.88 -3.14
C ASP A 1 -10.82 0.06 -2.13
N ASP A 2 -10.70 -1.23 -2.39
CA ASP A 2 -9.97 -2.12 -1.50
C ASP A 2 -8.48 -1.79 -1.52
N CYS A 3 -7.85 -1.94 -2.70
CA CYS A 3 -6.43 -1.66 -2.88
C CYS A 3 -5.58 -2.18 -1.72
N GLY A 4 -4.27 -1.92 -1.79
CA GLY A 4 -3.36 -2.39 -0.79
C GLY A 4 -3.87 -2.20 0.63
N LYS A 5 -3.17 -2.81 1.57
CA LYS A 5 -3.52 -2.73 2.98
C LYS A 5 -2.32 -2.21 3.78
N LEU A 6 -2.47 -2.10 5.10
CA LEU A 6 -1.38 -1.61 5.94
C LEU A 6 -0.24 -2.62 6.02
N PHE A 7 0.92 -2.26 5.47
CA PHE A 7 2.11 -3.15 5.49
C PHE A 7 1.97 -4.29 4.48
N SER A 8 0.80 -4.41 3.87
CA SER A 8 0.55 -5.46 2.88
C SER A 8 1.34 -5.23 1.60
N GLY A 9 2.66 -5.34 1.70
CA GLY A 9 3.53 -5.15 0.55
C GLY A 9 2.97 -4.24 -0.52
N CYS A 10 3.24 -4.56 -1.77
CA CYS A 10 2.76 -3.78 -2.90
C CYS A 10 2.27 -4.70 -4.02
N ASP A 11 0.94 -4.91 -4.07
CA ASP A 11 0.34 -5.76 -5.09
C ASP A 11 0.40 -5.12 -6.46
N THR A 12 -0.10 -5.84 -7.46
CA THR A 12 -0.10 -5.36 -8.84
C THR A 12 -1.10 -4.22 -9.03
N ASN A 13 -2.37 -4.59 -9.20
CA ASN A 13 -3.44 -3.61 -9.38
C ASN A 13 -3.69 -2.83 -8.10
N ALA A 14 -4.04 -3.57 -7.04
CA ALA A 14 -4.31 -2.98 -5.73
C ALA A 14 -3.02 -2.49 -5.07
N ASP A 15 -2.05 -2.09 -5.90
CA ASP A 15 -0.73 -1.62 -5.46
C ASP A 15 -0.83 -0.46 -4.48
N CYS A 16 -1.59 -0.68 -3.43
CA CYS A 16 -1.75 0.32 -2.38
C CYS A 16 -2.30 1.64 -2.91
N CYS A 17 -3.49 1.98 -2.45
CA CYS A 17 -4.14 3.24 -2.85
C CYS A 17 -3.18 4.41 -2.68
N GLU A 18 -3.54 5.55 -3.24
CA GLU A 18 -2.71 6.76 -3.17
C GLU A 18 -2.68 7.34 -1.75
N GLY A 19 -2.17 6.58 -0.79
CA GLY A 19 -2.09 7.06 0.58
C GLY A 19 -0.78 6.67 1.24
N TYR A 20 -0.62 5.38 1.49
CA TYR A 20 0.59 4.86 2.10
C TYR A 20 1.71 4.75 1.07
N VAL A 21 2.91 4.40 1.52
CA VAL A 21 4.06 4.29 0.62
C VAL A 21 4.21 2.87 0.08
N CYS A 22 5.09 2.70 -0.88
CA CYS A 22 5.33 1.40 -1.49
C CYS A 22 6.68 0.84 -1.08
N ARG A 23 7.11 1.21 0.11
CA ARG A 23 8.39 0.74 0.66
C ARG A 23 8.30 -0.75 0.98
N LEU A 24 9.18 -1.23 1.87
CA LEU A 24 9.17 -2.64 2.26
C LEU A 24 7.75 -3.09 2.58
N TRP A 25 6.93 -2.15 3.04
CA TRP A 25 5.54 -2.43 3.37
C TRP A 25 4.63 -1.32 2.88
N CYS A 26 3.34 -1.58 2.96
CA CYS A 26 2.34 -0.61 2.58
C CYS A 26 2.02 0.26 3.78
N LYS A 27 3.08 0.85 4.33
CA LYS A 27 3.00 1.71 5.52
C LYS A 27 2.38 3.07 5.19
N LEU A 28 1.68 3.63 6.17
CA LEU A 28 1.05 4.94 6.02
C LEU A 28 2.10 6.03 5.98
N ASP A 29 1.68 7.18 5.51
CA ASP A 29 2.56 8.34 5.39
C ASP A 29 2.98 8.84 6.77
N TRP A 30 3.88 8.09 7.41
CA TRP A 30 4.37 8.44 8.74
C TRP A 30 4.84 9.88 8.79
N ASP A 1 -11.07 -0.03 -4.81
CA ASP A 1 -11.42 0.25 -3.39
C ASP A 1 -10.55 -0.55 -2.43
N ASP A 2 -10.15 -1.75 -2.86
CA ASP A 2 -9.32 -2.62 -2.05
C ASP A 2 -7.94 -2.00 -1.84
N CYS A 3 -7.13 -2.01 -2.91
CA CYS A 3 -5.77 -1.46 -2.89
C CYS A 3 -4.99 -1.87 -1.64
N GLY A 4 -3.68 -1.66 -1.68
CA GLY A 4 -2.81 -2.02 -0.60
C GLY A 4 -3.38 -1.68 0.77
N LYS A 5 -2.74 -2.20 1.80
CA LYS A 5 -3.16 -1.95 3.17
C LYS A 5 -1.95 -1.78 4.09
N LEU A 6 -2.19 -1.39 5.33
CA LEU A 6 -1.13 -1.19 6.31
C LEU A 6 -0.11 -2.33 6.28
N PHE A 7 1.01 -2.11 5.58
CA PHE A 7 2.07 -3.14 5.48
C PHE A 7 1.66 -4.29 4.56
N SER A 8 0.47 -4.21 3.98
CA SER A 8 0.00 -5.25 3.09
C SER A 8 0.76 -5.26 1.78
N GLY A 9 2.03 -5.65 1.86
CA GLY A 9 2.89 -5.72 0.68
C GLY A 9 2.55 -4.69 -0.37
N CYS A 10 2.74 -5.08 -1.63
CA CYS A 10 2.45 -4.20 -2.76
C CYS A 10 2.06 -5.01 -3.99
N ASP A 11 0.77 -5.33 -4.10
CA ASP A 11 0.27 -6.10 -5.24
C ASP A 11 0.31 -5.28 -6.52
N THR A 12 -0.19 -5.87 -7.60
CA THR A 12 -0.21 -5.21 -8.90
C THR A 12 -1.21 -4.06 -8.93
N ASN A 13 -2.46 -4.39 -9.23
CA ASN A 13 -3.53 -3.40 -9.28
C ASN A 13 -3.66 -2.67 -7.95
N ALA A 14 -3.81 -3.44 -6.87
CA ALA A 14 -3.93 -2.89 -5.53
C ALA A 14 -2.61 -2.30 -5.03
N ASP A 15 -1.78 -1.85 -5.98
CA ASP A 15 -0.47 -1.28 -5.70
C ASP A 15 -0.53 -0.12 -4.71
N CYS A 16 -1.12 -0.39 -3.56
CA CYS A 16 -1.24 0.59 -2.50
C CYS A 16 -2.00 1.83 -2.95
N CYS A 17 -3.11 2.06 -2.26
CA CYS A 17 -3.96 3.22 -2.55
C CYS A 17 -3.18 4.52 -2.38
N GLU A 18 -3.81 5.63 -2.78
CA GLU A 18 -3.18 6.94 -2.69
C GLU A 18 -3.07 7.43 -1.23
N GLY A 19 -2.38 6.66 -0.39
CA GLY A 19 -2.21 7.06 0.99
C GLY A 19 -0.91 6.57 1.57
N TYR A 20 -0.80 5.26 1.71
CA TYR A 20 0.41 4.65 2.24
C TYR A 20 1.45 4.44 1.14
N VAL A 21 2.72 4.35 1.53
CA VAL A 21 3.81 4.17 0.58
C VAL A 21 3.81 2.75 0.02
N CYS A 22 4.77 2.46 -0.85
CA CYS A 22 4.87 1.13 -1.45
C CYS A 22 6.27 0.54 -1.30
N ARG A 23 6.95 0.94 -0.25
CA ARG A 23 8.30 0.43 0.02
C ARG A 23 8.22 -1.05 0.44
N LEU A 24 9.01 -1.44 1.43
CA LEU A 24 8.99 -2.83 1.91
C LEU A 24 7.57 -3.23 2.28
N TRP A 25 6.76 -2.25 2.64
CA TRP A 25 5.37 -2.47 3.01
C TRP A 25 4.48 -1.32 2.58
N CYS A 26 3.20 -1.50 2.76
CA CYS A 26 2.22 -0.47 2.45
C CYS A 26 2.01 0.37 3.71
N LYS A 27 3.10 0.97 4.17
CA LYS A 27 3.11 1.79 5.38
C LYS A 27 2.40 3.13 5.14
N LEU A 28 1.75 3.62 6.19
CA LEU A 28 1.05 4.90 6.12
C LEU A 28 2.04 6.05 6.03
N ASP A 29 1.53 7.19 5.60
CA ASP A 29 2.34 8.40 5.47
C ASP A 29 2.84 8.89 6.82
N TRP A 30 3.79 8.16 7.39
CA TRP A 30 4.36 8.51 8.70
C TRP A 30 4.80 9.97 8.72
N ASP A 1 -11.53 -0.89 -5.16
CA ASP A 1 -11.99 -0.12 -3.97
C ASP A 1 -11.20 -0.51 -2.72
N ASP A 2 -11.06 -1.81 -2.50
CA ASP A 2 -10.34 -2.33 -1.35
C ASP A 2 -8.85 -1.96 -1.44
N CYS A 3 -8.29 -2.11 -2.63
CA CYS A 3 -6.87 -1.81 -2.88
C CYS A 3 -5.96 -2.30 -1.75
N GLY A 4 -4.67 -2.01 -1.89
CA GLY A 4 -3.71 -2.44 -0.92
C GLY A 4 -4.12 -2.13 0.52
N LYS A 5 -3.31 -2.60 1.47
CA LYS A 5 -3.58 -2.36 2.89
C LYS A 5 -2.30 -1.97 3.62
N LEU A 6 -2.45 -1.58 4.88
CA LEU A 6 -1.30 -1.17 5.69
C LEU A 6 -0.30 -2.31 5.86
N PHE A 7 0.93 -2.10 5.39
CA PHE A 7 1.98 -3.13 5.48
C PHE A 7 1.73 -4.28 4.50
N SER A 8 0.61 -4.25 3.79
CA SER A 8 0.27 -5.29 2.84
C SER A 8 1.16 -5.24 1.62
N GLY A 9 2.42 -5.59 1.80
CA GLY A 9 3.40 -5.60 0.71
C GLY A 9 3.09 -4.58 -0.38
N CYS A 10 3.37 -4.96 -1.61
CA CYS A 10 3.13 -4.09 -2.75
C CYS A 10 2.62 -4.90 -3.94
N ASP A 11 1.29 -5.01 -4.06
CA ASP A 11 0.67 -5.75 -5.14
C ASP A 11 0.84 -5.04 -6.48
N THR A 12 0.24 -5.60 -7.53
CA THR A 12 0.33 -5.03 -8.87
C THR A 12 -0.46 -3.72 -8.98
N ASN A 13 -1.71 -3.82 -9.46
CA ASN A 13 -2.56 -2.64 -9.63
C ASN A 13 -2.99 -2.08 -8.28
N ALA A 14 -3.81 -2.85 -7.57
CA ALA A 14 -4.31 -2.43 -6.25
C ALA A 14 -3.21 -2.45 -5.20
N ASP A 15 -1.95 -2.30 -5.64
CA ASP A 15 -0.80 -2.31 -4.76
C ASP A 15 -1.10 -1.59 -3.45
N CYS A 16 -1.74 -0.44 -3.54
CA CYS A 16 -2.10 0.33 -2.36
C CYS A 16 -2.62 1.71 -2.73
N CYS A 17 -3.85 1.96 -2.30
CA CYS A 17 -4.49 3.25 -2.56
C CYS A 17 -3.56 4.40 -2.19
N GLU A 18 -3.93 5.61 -2.62
CA GLU A 18 -3.12 6.80 -2.36
C GLU A 18 -3.15 7.18 -0.87
N GLY A 19 -2.06 6.91 -0.17
CA GLY A 19 -1.97 7.24 1.25
C GLY A 19 -0.68 6.73 1.86
N TYR A 20 -0.45 5.43 1.72
CA TYR A 20 0.74 4.79 2.25
C TYR A 20 1.78 4.60 1.15
N VAL A 21 3.03 4.39 1.55
CA VAL A 21 4.12 4.20 0.59
C VAL A 21 4.18 2.76 0.09
N CYS A 22 5.02 2.51 -0.91
CA CYS A 22 5.17 1.18 -1.48
C CYS A 22 6.52 0.58 -1.14
N ARG A 23 7.05 0.97 0.01
CA ARG A 23 8.33 0.47 0.48
C ARG A 23 8.21 -1.00 0.88
N LEU A 24 9.11 -1.49 1.72
CA LEU A 24 9.06 -2.88 2.18
C LEU A 24 7.63 -3.27 2.53
N TRP A 25 6.86 -2.28 3.00
CA TRP A 25 5.47 -2.48 3.36
C TRP A 25 4.63 -1.32 2.89
N CYS A 26 3.33 -1.48 3.02
CA CYS A 26 2.40 -0.44 2.66
C CYS A 26 2.16 0.44 3.87
N LYS A 27 3.24 1.01 4.38
CA LYS A 27 3.22 1.86 5.56
C LYS A 27 2.60 3.23 5.24
N LEU A 28 1.94 3.81 6.24
CA LEU A 28 1.31 5.11 6.09
C LEU A 28 2.36 6.20 5.85
N ASP A 29 1.89 7.31 5.33
CA ASP A 29 2.76 8.45 5.04
C ASP A 29 3.32 9.05 6.33
N TRP A 30 4.24 8.33 6.97
CA TRP A 30 4.85 8.79 8.21
C TRP A 30 5.39 10.21 8.05
N ASP A 1 -10.42 -0.34 -5.49
CA ASP A 1 -11.12 -0.02 -4.23
C ASP A 1 -10.41 -0.64 -3.03
N ASP A 2 -10.00 -1.90 -3.18
CA ASP A 2 -9.30 -2.60 -2.11
C ASP A 2 -7.94 -1.97 -1.84
N CYS A 3 -7.11 -1.92 -2.87
CA CYS A 3 -5.75 -1.35 -2.79
C CYS A 3 -5.00 -1.81 -1.55
N GLY A 4 -3.68 -1.62 -1.57
CA GLY A 4 -2.84 -2.03 -0.48
C GLY A 4 -3.40 -1.68 0.89
N LYS A 5 -2.77 -2.22 1.91
CA LYS A 5 -3.18 -1.96 3.30
C LYS A 5 -1.96 -1.80 4.19
N LEU A 6 -2.18 -1.36 5.42
CA LEU A 6 -1.09 -1.16 6.38
C LEU A 6 -0.08 -2.31 6.35
N PHE A 7 1.03 -2.11 5.64
CA PHE A 7 2.08 -3.14 5.55
C PHE A 7 1.70 -4.29 4.63
N SER A 8 0.49 -4.23 4.07
CA SER A 8 0.01 -5.27 3.18
C SER A 8 0.75 -5.26 1.84
N GLY A 9 2.03 -5.61 1.90
CA GLY A 9 2.86 -5.66 0.69
C GLY A 9 2.46 -4.64 -0.36
N CYS A 10 2.62 -5.03 -1.62
CA CYS A 10 2.27 -4.17 -2.75
C CYS A 10 1.89 -5.01 -3.97
N ASP A 11 0.59 -5.27 -4.10
CA ASP A 11 0.08 -6.07 -5.23
C ASP A 11 0.20 -5.32 -6.54
N THR A 12 -0.32 -5.92 -7.60
CA THR A 12 -0.29 -5.31 -8.93
C THR A 12 -1.17 -4.07 -8.99
N ASN A 13 -2.46 -4.30 -9.14
CA ASN A 13 -3.43 -3.21 -9.21
C ASN A 13 -3.57 -2.51 -7.86
N ALA A 14 -3.81 -3.29 -6.82
CA ALA A 14 -3.94 -2.77 -5.46
C ALA A 14 -2.61 -2.29 -4.90
N ASP A 15 -1.71 -1.86 -5.80
CA ASP A 15 -0.37 -1.38 -5.44
C ASP A 15 -0.43 -0.20 -4.46
N CYS A 16 -1.10 -0.42 -3.36
CA CYS A 16 -1.22 0.59 -2.32
C CYS A 16 -2.03 1.79 -2.77
N CYS A 17 -3.11 2.04 -2.05
CA CYS A 17 -4.00 3.16 -2.35
C CYS A 17 -3.25 4.49 -2.24
N GLU A 18 -3.92 5.56 -2.61
CA GLU A 18 -3.34 6.91 -2.56
C GLU A 18 -3.14 7.42 -1.13
N GLY A 19 -2.48 6.63 -0.29
CA GLY A 19 -2.23 7.04 1.08
C GLY A 19 -0.89 6.56 1.59
N TYR A 20 -0.78 5.25 1.76
CA TYR A 20 0.45 4.63 2.23
C TYR A 20 1.43 4.44 1.08
N VAL A 21 2.71 4.35 1.42
CA VAL A 21 3.76 4.17 0.41
C VAL A 21 3.82 2.73 -0.09
N CYS A 22 4.62 2.49 -1.12
CA CYS A 22 4.75 1.16 -1.70
C CYS A 22 6.15 0.60 -1.44
N ARG A 23 6.73 0.99 -0.33
CA ARG A 23 8.06 0.50 0.06
C ARG A 23 7.98 -0.97 0.44
N LEU A 24 8.91 -1.45 1.27
CA LEU A 24 8.89 -2.85 1.71
C LEU A 24 7.48 -3.26 2.12
N TRP A 25 6.72 -2.28 2.62
CA TRP A 25 5.35 -2.51 3.04
C TRP A 25 4.47 -1.37 2.61
N CYS A 26 3.18 -1.54 2.81
CA CYS A 26 2.22 -0.51 2.50
C CYS A 26 2.06 0.36 3.74
N LYS A 27 3.17 0.97 4.13
CA LYS A 27 3.25 1.82 5.31
C LYS A 27 2.53 3.16 5.09
N LEU A 28 1.89 3.65 6.14
CA LEU A 28 1.18 4.92 6.08
C LEU A 28 2.16 6.07 5.98
N ASP A 29 1.63 7.22 5.60
CA ASP A 29 2.43 8.43 5.44
C ASP A 29 2.94 8.91 6.79
N TRP A 30 3.91 8.18 7.34
CA TRP A 30 4.51 8.53 8.63
C TRP A 30 4.91 10.00 8.67
N ASP A 1 -10.77 -1.21 -5.56
CA ASP A 1 -11.28 -0.32 -4.48
C ASP A 1 -10.57 -0.60 -3.15
N ASP A 2 -10.40 -1.87 -2.83
CA ASP A 2 -9.73 -2.27 -1.61
C ASP A 2 -8.26 -1.86 -1.62
N CYS A 3 -7.62 -2.03 -2.78
CA CYS A 3 -6.21 -1.69 -2.96
C CYS A 3 -5.35 -2.10 -1.78
N GLY A 4 -4.05 -1.81 -1.87
CA GLY A 4 -3.13 -2.17 -0.84
C GLY A 4 -3.64 -1.86 0.56
N LYS A 5 -2.92 -2.36 1.57
CA LYS A 5 -3.30 -2.13 2.96
C LYS A 5 -2.06 -1.88 3.82
N LEU A 6 -2.28 -1.43 5.05
CA LEU A 6 -1.19 -1.16 5.98
C LEU A 6 -0.19 -2.31 6.03
N PHE A 7 0.99 -2.10 5.44
CA PHE A 7 2.05 -3.12 5.42
C PHE A 7 1.71 -4.28 4.47
N SER A 8 0.55 -4.21 3.83
CA SER A 8 0.14 -5.25 2.90
C SER A 8 0.96 -5.22 1.62
N GLY A 9 2.23 -5.60 1.74
CA GLY A 9 3.13 -5.64 0.60
C GLY A 9 2.80 -4.59 -0.46
N CYS A 10 2.99 -4.97 -1.72
CA CYS A 10 2.71 -4.09 -2.83
C CYS A 10 2.25 -4.88 -4.05
N ASP A 11 0.97 -5.25 -4.07
CA ASP A 11 0.41 -6.03 -5.17
C ASP A 11 0.31 -5.20 -6.46
N THR A 12 -0.12 -5.84 -7.53
CA THR A 12 -0.26 -5.19 -8.83
C THR A 12 -1.41 -4.20 -8.82
N ASN A 13 -2.62 -4.71 -9.06
CA ASN A 13 -3.82 -3.88 -9.09
C ASN A 13 -3.96 -3.09 -7.81
N ALA A 14 -4.01 -3.81 -6.69
CA ALA A 14 -4.13 -3.19 -5.37
C ALA A 14 -2.83 -2.48 -4.97
N ASP A 15 -2.13 -1.97 -5.98
CA ASP A 15 -0.84 -1.27 -5.82
C ASP A 15 -0.76 -0.38 -4.57
N CYS A 16 -1.86 -0.23 -3.84
CA CYS A 16 -1.90 0.58 -2.62
C CYS A 16 -2.34 1.99 -2.92
N CYS A 17 -3.60 2.25 -2.59
CA CYS A 17 -4.21 3.56 -2.79
C CYS A 17 -3.29 4.68 -2.31
N GLU A 18 -3.62 5.91 -2.68
CA GLU A 18 -2.82 7.08 -2.30
C GLU A 18 -2.95 7.39 -0.81
N GLY A 19 -1.84 7.25 -0.09
CA GLY A 19 -1.83 7.52 1.34
C GLY A 19 -0.61 6.92 2.00
N TYR A 20 -0.39 5.64 1.75
CA TYR A 20 0.73 4.90 2.30
C TYR A 20 1.78 4.63 1.22
N VAL A 21 3.02 4.47 1.64
CA VAL A 21 4.13 4.23 0.72
C VAL A 21 4.03 2.83 0.12
N CYS A 22 5.01 2.48 -0.71
CA CYS A 22 5.03 1.17 -1.35
C CYS A 22 6.42 0.52 -1.23
N ARG A 23 7.14 0.90 -0.19
CA ARG A 23 8.47 0.34 0.05
C ARG A 23 8.35 -1.12 0.49
N LEU A 24 9.11 -1.52 1.52
CA LEU A 24 9.05 -2.88 2.02
C LEU A 24 7.62 -3.25 2.39
N TRP A 25 6.81 -2.24 2.70
CA TRP A 25 5.42 -2.44 3.07
C TRP A 25 4.56 -1.28 2.62
N CYS A 26 3.27 -1.44 2.80
CA CYS A 26 2.31 -0.41 2.50
C CYS A 26 2.10 0.43 3.74
N LYS A 27 3.20 1.01 4.21
CA LYS A 27 3.21 1.84 5.41
C LYS A 27 2.53 3.18 5.19
N LEU A 28 1.86 3.67 6.23
CA LEU A 28 1.18 4.96 6.18
C LEU A 28 2.18 6.10 6.12
N ASP A 29 1.71 7.25 5.69
CA ASP A 29 2.53 8.44 5.58
C ASP A 29 2.92 8.96 6.95
N TRP A 30 3.81 8.22 7.62
CA TRP A 30 4.27 8.60 8.96
C TRP A 30 4.62 10.08 9.03
N ASP A 1 -10.87 0.37 -4.94
CA ASP A 1 -11.35 0.57 -3.55
C ASP A 1 -10.53 -0.25 -2.56
N ASP A 2 -10.26 -1.51 -2.92
CA ASP A 2 -9.49 -2.39 -2.06
C ASP A 2 -8.04 -1.89 -1.92
N CYS A 3 -7.28 -2.04 -3.01
CA CYS A 3 -5.87 -1.61 -3.04
C CYS A 3 -5.10 -2.01 -1.78
N GLY A 4 -3.79 -1.80 -1.81
CA GLY A 4 -2.95 -2.17 -0.70
C GLY A 4 -3.52 -1.80 0.66
N LYS A 5 -2.86 -2.28 1.71
CA LYS A 5 -3.28 -1.99 3.08
C LYS A 5 -2.05 -1.81 3.98
N LEU A 6 -2.29 -1.39 5.21
CA LEU A 6 -1.20 -1.18 6.17
C LEU A 6 -0.21 -2.34 6.16
N PHE A 7 0.96 -2.13 5.54
CA PHE A 7 2.00 -3.17 5.47
C PHE A 7 1.62 -4.30 4.53
N SER A 8 0.45 -4.20 3.90
CA SER A 8 -0.01 -5.22 2.97
C SER A 8 0.81 -5.23 1.69
N GLY A 9 2.07 -5.62 1.82
CA GLY A 9 2.99 -5.69 0.68
C GLY A 9 2.68 -4.66 -0.40
N CYS A 10 2.91 -5.05 -1.65
CA CYS A 10 2.66 -4.18 -2.79
C CYS A 10 2.19 -4.99 -3.99
N ASP A 11 0.89 -5.25 -4.06
CA ASP A 11 0.31 -6.01 -5.17
C ASP A 11 0.35 -5.22 -6.47
N THR A 12 -0.09 -5.85 -7.56
CA THR A 12 -0.11 -5.21 -8.86
C THR A 12 -1.17 -4.12 -8.93
N ASN A 13 -2.38 -4.51 -9.28
CA ASN A 13 -3.50 -3.56 -9.38
C ASN A 13 -3.69 -2.82 -8.06
N ALA A 14 -3.77 -3.58 -6.97
CA ALA A 14 -3.94 -3.01 -5.63
C ALA A 14 -2.67 -2.32 -5.16
N ASP A 15 -1.91 -1.78 -6.11
CA ASP A 15 -0.64 -1.09 -5.87
C ASP A 15 -0.74 -0.03 -4.78
N CYS A 16 -1.21 -0.45 -3.63
CA CYS A 16 -1.33 0.42 -2.46
C CYS A 16 -2.19 1.65 -2.75
N CYS A 17 -3.24 1.79 -1.95
CA CYS A 17 -4.15 2.93 -2.06
C CYS A 17 -3.38 4.25 -2.05
N GLU A 18 -4.03 5.31 -2.52
CA GLU A 18 -3.41 6.63 -2.57
C GLU A 18 -3.24 7.23 -1.18
N GLY A 19 -2.51 6.54 -0.30
CA GLY A 19 -2.29 7.04 1.04
C GLY A 19 -0.95 6.58 1.59
N TYR A 20 -0.85 5.28 1.83
CA TYR A 20 0.37 4.69 2.35
C TYR A 20 1.38 4.45 1.23
N VAL A 21 2.66 4.42 1.59
CA VAL A 21 3.73 4.20 0.62
C VAL A 21 3.72 2.77 0.11
N CYS A 22 4.71 2.41 -0.71
CA CYS A 22 4.80 1.07 -1.25
C CYS A 22 6.21 0.50 -1.14
N ARG A 23 6.93 0.93 -0.11
CA ARG A 23 8.27 0.45 0.13
C ARG A 23 8.24 -1.00 0.60
N LEU A 24 9.04 -1.36 1.60
CA LEU A 24 9.05 -2.73 2.12
C LEU A 24 7.62 -3.17 2.43
N TRP A 25 6.79 -2.21 2.82
CA TRP A 25 5.39 -2.47 3.13
C TRP A 25 4.53 -1.29 2.72
N CYS A 26 3.23 -1.49 2.82
CA CYS A 26 2.29 -0.43 2.52
C CYS A 26 2.13 0.43 3.76
N LYS A 27 3.24 1.07 4.13
CA LYS A 27 3.30 1.92 5.33
C LYS A 27 2.53 3.22 5.14
N LEU A 28 1.95 3.71 6.23
CA LEU A 28 1.23 4.97 6.20
C LEU A 28 2.19 6.13 6.03
N ASP A 29 1.66 7.24 5.58
CA ASP A 29 2.44 8.45 5.35
C ASP A 29 3.03 8.97 6.66
N TRP A 30 4.05 8.28 7.16
CA TRP A 30 4.69 8.67 8.41
C TRP A 30 5.50 9.96 8.23
N ASP A 1 -10.20 -0.59 -5.59
CA ASP A 1 -11.13 -0.37 -4.45
C ASP A 1 -10.47 -0.73 -3.12
N ASP A 2 -10.14 -2.02 -2.97
CA ASP A 2 -9.50 -2.49 -1.74
C ASP A 2 -8.11 -1.89 -1.59
N CYS A 3 -7.33 -1.92 -2.66
CA CYS A 3 -5.96 -1.38 -2.69
C CYS A 3 -5.16 -1.77 -1.45
N GLY A 4 -3.84 -1.58 -1.54
CA GLY A 4 -2.95 -1.92 -0.47
C GLY A 4 -3.48 -1.58 0.90
N LYS A 5 -2.82 -2.12 1.92
CA LYS A 5 -3.21 -1.86 3.30
C LYS A 5 -1.97 -1.70 4.19
N LEU A 6 -2.20 -1.37 5.45
CA LEU A 6 -1.10 -1.16 6.40
C LEU A 6 -0.08 -2.29 6.31
N PHE A 7 1.00 -2.06 5.54
CA PHE A 7 2.06 -3.07 5.40
C PHE A 7 1.62 -4.22 4.49
N SER A 8 0.43 -4.11 3.91
CA SER A 8 -0.07 -5.16 3.03
C SER A 8 0.68 -5.19 1.71
N GLY A 9 1.95 -5.60 1.79
CA GLY A 9 2.80 -5.68 0.61
C GLY A 9 2.49 -4.63 -0.44
N CYS A 10 2.69 -5.00 -1.70
CA CYS A 10 2.43 -4.09 -2.81
C CYS A 10 2.11 -4.89 -4.08
N ASP A 11 0.85 -5.28 -4.22
CA ASP A 11 0.41 -6.04 -5.38
C ASP A 11 0.41 -5.19 -6.65
N THR A 12 -0.14 -5.73 -7.73
CA THR A 12 -0.19 -5.03 -9.00
C THR A 12 -1.18 -3.87 -8.95
N ASN A 13 -2.45 -4.17 -9.13
CA ASN A 13 -3.51 -3.16 -9.11
C ASN A 13 -3.64 -2.55 -7.71
N ALA A 14 -4.06 -3.37 -6.76
CA ALA A 14 -4.23 -2.92 -5.38
C ALA A 14 -2.88 -2.65 -4.69
N ASP A 15 -1.84 -2.41 -5.49
CA ASP A 15 -0.49 -2.16 -4.96
C ASP A 15 -0.53 -1.32 -3.69
N CYS A 16 -1.20 -0.19 -3.76
CA CYS A 16 -1.30 0.70 -2.60
C CYS A 16 -2.08 1.96 -2.95
N CYS A 17 -3.17 2.15 -2.22
CA CYS A 17 -4.03 3.31 -2.43
C CYS A 17 -3.27 4.62 -2.27
N GLU A 18 -3.93 5.72 -2.63
CA GLU A 18 -3.34 7.05 -2.55
C GLU A 18 -3.16 7.52 -1.10
N GLY A 19 -2.40 6.77 -0.32
CA GLY A 19 -2.16 7.15 1.06
C GLY A 19 -0.83 6.66 1.56
N TYR A 20 -0.70 5.35 1.67
CA TYR A 20 0.53 4.73 2.11
C TYR A 20 1.51 4.55 0.95
N VAL A 21 2.79 4.43 1.28
CA VAL A 21 3.82 4.27 0.27
C VAL A 21 3.91 2.82 -0.22
N CYS A 22 4.83 2.56 -1.14
CA CYS A 22 5.01 1.21 -1.67
C CYS A 22 6.39 0.66 -1.35
N ARG A 23 6.90 1.04 -0.19
CA ARG A 23 8.21 0.56 0.25
C ARG A 23 8.14 -0.92 0.60
N LEU A 24 9.00 -1.40 1.49
CA LEU A 24 8.97 -2.80 1.89
C LEU A 24 7.54 -3.24 2.21
N TRP A 25 6.74 -2.28 2.67
CA TRP A 25 5.34 -2.53 3.00
C TRP A 25 4.49 -1.36 2.55
N CYS A 26 3.18 -1.55 2.64
CA CYS A 26 2.25 -0.49 2.32
C CYS A 26 2.12 0.38 3.55
N LYS A 27 3.23 1.01 3.91
CA LYS A 27 3.34 1.86 5.09
C LYS A 27 2.59 3.17 4.93
N LEU A 28 1.88 3.57 5.97
CA LEU A 28 1.14 4.82 5.97
C LEU A 28 2.09 6.00 6.01
N ASP A 29 1.59 7.16 5.63
CA ASP A 29 2.37 8.38 5.60
C ASP A 29 2.83 8.75 7.01
N TRP A 30 3.80 8.01 7.53
CA TRP A 30 4.32 8.25 8.87
C TRP A 30 5.12 9.56 8.90
N ASP A 1 -10.60 0.99 -4.87
CA ASP A 1 -11.14 0.96 -3.49
C ASP A 1 -10.39 -0.04 -2.61
N ASP A 2 -10.11 -1.21 -3.16
CA ASP A 2 -9.39 -2.24 -2.43
C ASP A 2 -7.96 -1.80 -2.14
N CYS A 3 -7.13 -1.79 -3.18
CA CYS A 3 -5.72 -1.39 -3.08
C CYS A 3 -5.03 -1.99 -1.86
N GLY A 4 -3.70 -1.83 -1.79
CA GLY A 4 -2.94 -2.38 -0.72
C GLY A 4 -3.52 -2.09 0.66
N LYS A 5 -2.97 -2.75 1.67
CA LYS A 5 -3.42 -2.56 3.04
C LYS A 5 -2.23 -2.26 3.94
N LEU A 6 -2.50 -1.76 5.13
CA LEU A 6 -1.45 -1.42 6.09
C LEU A 6 -0.36 -2.49 6.16
N PHE A 7 0.81 -2.19 5.57
CA PHE A 7 1.95 -3.13 5.58
C PHE A 7 1.72 -4.32 4.64
N SER A 8 0.56 -4.40 4.03
CA SER A 8 0.23 -5.50 3.13
C SER A 8 1.03 -5.42 1.84
N GLY A 9 2.33 -5.71 1.94
CA GLY A 9 3.22 -5.69 0.79
C GLY A 9 2.82 -4.69 -0.28
N CYS A 10 3.06 -5.05 -1.54
CA CYS A 10 2.72 -4.20 -2.67
C CYS A 10 2.17 -5.03 -3.82
N ASP A 11 0.85 -5.15 -3.89
CA ASP A 11 0.20 -5.91 -4.96
C ASP A 11 0.31 -5.20 -6.30
N THR A 12 -0.16 -5.86 -7.35
CA THR A 12 -0.11 -5.30 -8.69
C THR A 12 -1.02 -4.09 -8.81
N ASN A 13 -2.25 -4.30 -9.27
CA ASN A 13 -3.22 -3.21 -9.43
C ASN A 13 -3.42 -2.50 -8.10
N ALA A 14 -3.60 -3.29 -7.04
CA ALA A 14 -3.80 -2.76 -5.70
C ALA A 14 -2.51 -2.14 -5.14
N ASP A 15 -1.67 -1.63 -6.05
CA ASP A 15 -0.38 -1.02 -5.72
C ASP A 15 -0.48 0.00 -4.59
N CYS A 16 -0.98 -0.46 -3.46
CA CYS A 16 -1.12 0.37 -2.28
C CYS A 16 -2.01 1.58 -2.51
N CYS A 17 -3.01 1.73 -1.66
CA CYS A 17 -3.95 2.85 -1.74
C CYS A 17 -3.21 4.18 -1.80
N GLU A 18 -3.95 5.23 -2.13
CA GLU A 18 -3.39 6.58 -2.23
C GLU A 18 -3.02 7.18 -0.87
N GLY A 19 -3.06 6.37 0.20
CA GLY A 19 -2.71 6.89 1.51
C GLY A 19 -1.32 6.48 1.93
N TYR A 20 -1.12 5.19 2.10
CA TYR A 20 0.16 4.66 2.50
C TYR A 20 1.09 4.53 1.29
N VAL A 21 2.38 4.32 1.55
CA VAL A 21 3.36 4.19 0.47
C VAL A 21 3.44 2.77 -0.04
N CYS A 22 4.46 2.47 -0.83
CA CYS A 22 4.63 1.13 -1.38
C CYS A 22 6.05 0.63 -1.17
N ARG A 23 6.67 1.07 -0.08
CA ARG A 23 8.02 0.65 0.26
C ARG A 23 8.01 -0.82 0.69
N LEU A 24 8.87 -1.20 1.63
CA LEU A 24 8.91 -2.58 2.10
C LEU A 24 7.51 -3.04 2.49
N TRP A 25 6.66 -2.08 2.86
CA TRP A 25 5.29 -2.36 3.24
C TRP A 25 4.36 -1.25 2.79
N CYS A 26 3.08 -1.48 2.96
CA CYS A 26 2.07 -0.50 2.66
C CYS A 26 1.88 0.37 3.89
N LYS A 27 2.98 0.93 4.35
CA LYS A 27 3.02 1.77 5.53
C LYS A 27 2.40 3.14 5.28
N LEU A 28 1.79 3.71 6.31
CA LEU A 28 1.18 5.03 6.19
C LEU A 28 2.19 6.05 5.68
N ASP A 29 1.67 7.11 5.07
CA ASP A 29 2.51 8.17 4.53
C ASP A 29 3.31 8.87 5.62
N TRP A 30 4.34 8.20 6.12
CA TRP A 30 5.17 8.76 7.17
C TRP A 30 6.03 9.91 6.64
N ASP A 1 -10.52 -0.63 -5.48
CA ASP A 1 -11.13 -0.09 -4.24
C ASP A 1 -10.41 -0.62 -3.00
N ASP A 2 -10.06 -1.90 -3.04
CA ASP A 2 -9.37 -2.54 -1.93
C ASP A 2 -7.97 -1.94 -1.73
N CYS A 3 -7.18 -1.95 -2.80
CA CYS A 3 -5.82 -1.40 -2.79
C CYS A 3 -5.02 -1.82 -1.55
N GLY A 4 -3.71 -1.62 -1.62
CA GLY A 4 -2.84 -1.99 -0.54
C GLY A 4 -3.39 -1.65 0.84
N LYS A 5 -2.74 -2.17 1.87
CA LYS A 5 -3.13 -1.92 3.25
C LYS A 5 -1.91 -1.76 4.14
N LEU A 6 -2.14 -1.34 5.38
CA LEU A 6 -1.06 -1.15 6.34
C LEU A 6 -0.06 -2.31 6.32
N PHE A 7 1.05 -2.11 5.60
CA PHE A 7 2.09 -3.15 5.51
C PHE A 7 1.68 -4.30 4.59
N SER A 8 0.49 -4.21 4.02
CA SER A 8 -0.02 -5.25 3.13
C SER A 8 0.74 -5.25 1.81
N GLY A 9 2.01 -5.66 1.88
CA GLY A 9 2.85 -5.72 0.69
C GLY A 9 2.51 -4.69 -0.36
N CYS A 10 2.67 -5.07 -1.62
CA CYS A 10 2.36 -4.20 -2.74
C CYS A 10 1.97 -5.00 -3.97
N ASP A 11 0.69 -5.32 -4.07
CA ASP A 11 0.19 -6.10 -5.20
C ASP A 11 0.20 -5.27 -6.49
N THR A 12 -0.30 -5.85 -7.57
CA THR A 12 -0.34 -5.19 -8.87
C THR A 12 -1.35 -4.04 -8.87
N ASN A 13 -2.59 -4.35 -9.18
CA ASN A 13 -3.66 -3.36 -9.21
C ASN A 13 -3.77 -2.62 -7.88
N ALA A 14 -3.91 -3.40 -6.80
CA ALA A 14 -4.02 -2.85 -5.46
C ALA A 14 -2.68 -2.28 -4.97
N ASP A 15 -1.86 -1.82 -5.92
CA ASP A 15 -0.54 -1.27 -5.66
C ASP A 15 -0.58 -0.11 -4.67
N CYS A 16 -1.16 -0.37 -3.52
CA CYS A 16 -1.27 0.61 -2.45
C CYS A 16 -2.02 1.85 -2.88
N CYS A 17 -3.12 2.10 -2.21
CA CYS A 17 -3.96 3.26 -2.48
C CYS A 17 -3.18 4.55 -2.32
N GLU A 18 -3.79 5.66 -2.72
CA GLU A 18 -3.16 6.97 -2.64
C GLU A 18 -3.02 7.47 -1.19
N GLY A 19 -2.37 6.67 -0.34
CA GLY A 19 -2.18 7.08 1.05
C GLY A 19 -0.86 6.58 1.60
N TYR A 20 -0.77 5.28 1.76
CA TYR A 20 0.45 4.65 2.27
C TYR A 20 1.47 4.44 1.16
N VAL A 21 2.74 4.35 1.54
CA VAL A 21 3.82 4.17 0.58
C VAL A 21 3.82 2.75 0.02
N CYS A 22 4.76 2.46 -0.87
CA CYS A 22 4.85 1.13 -1.48
C CYS A 22 6.25 0.54 -1.34
N ARG A 23 6.94 0.93 -0.29
CA ARG A 23 8.28 0.41 -0.04
C ARG A 23 8.21 -1.06 0.37
N LEU A 24 9.01 -1.47 1.36
CA LEU A 24 8.99 -2.86 1.82
C LEU A 24 7.57 -3.25 2.21
N TRP A 25 6.76 -2.26 2.58
CA TRP A 25 5.38 -2.49 2.97
C TRP A 25 4.50 -1.33 2.54
N CYS A 26 3.20 -1.51 2.75
CA CYS A 26 2.23 -0.48 2.45
C CYS A 26 2.05 0.36 3.71
N LYS A 27 3.15 0.96 4.14
CA LYS A 27 3.19 1.77 5.34
C LYS A 27 2.48 3.12 5.14
N LEU A 28 1.85 3.60 6.20
CA LEU A 28 1.14 4.88 6.14
C LEU A 28 2.13 6.03 6.05
N ASP A 29 1.62 7.16 5.61
CA ASP A 29 2.43 8.36 5.45
C ASP A 29 2.86 8.91 6.81
N TRP A 30 3.79 8.20 7.45
CA TRP A 30 4.30 8.60 8.76
C TRP A 30 4.64 10.09 8.79
N ASP A 1 -12.70 -1.66 -5.11
CA ASP A 1 -11.68 -0.64 -4.77
C ASP A 1 -11.01 -0.95 -3.43
N ASP A 2 -10.80 -2.24 -3.17
CA ASP A 2 -10.17 -2.68 -1.93
C ASP A 2 -8.72 -2.20 -1.87
N CYS A 3 -8.07 -2.17 -3.03
CA CYS A 3 -6.66 -1.75 -3.15
C CYS A 3 -5.79 -2.30 -2.03
N GLY A 4 -4.51 -1.95 -2.05
CA GLY A 4 -3.59 -2.42 -1.08
C GLY A 4 -4.05 -2.22 0.36
N LYS A 5 -3.30 -2.76 1.31
CA LYS A 5 -3.62 -2.62 2.72
C LYS A 5 -2.40 -2.15 3.51
N LEU A 6 -2.62 -1.78 4.76
CA LEU A 6 -1.54 -1.30 5.62
C LEU A 6 -0.47 -2.38 5.83
N PHE A 7 0.76 -2.09 5.40
CA PHE A 7 1.88 -3.04 5.54
C PHE A 7 1.76 -4.20 4.57
N SER A 8 0.63 -4.29 3.87
CA SER A 8 0.41 -5.37 2.91
C SER A 8 1.28 -5.21 1.68
N GLY A 9 2.58 -5.38 1.86
CA GLY A 9 3.54 -5.28 0.77
C GLY A 9 3.08 -4.37 -0.36
N CYS A 10 3.41 -4.76 -1.58
CA CYS A 10 3.03 -3.99 -2.76
C CYS A 10 2.53 -4.92 -3.87
N ASP A 11 1.23 -5.20 -3.85
CA ASP A 11 0.62 -6.09 -4.84
C ASP A 11 0.58 -5.44 -6.23
N THR A 12 -0.31 -5.95 -7.09
CA THR A 12 -0.45 -5.43 -8.45
C THR A 12 -0.79 -3.95 -8.44
N ASN A 13 -1.38 -3.45 -9.54
CA ASN A 13 -1.76 -2.04 -9.65
C ASN A 13 -2.35 -1.52 -8.35
N ALA A 14 -3.20 -2.33 -7.74
CA ALA A 14 -3.84 -1.98 -6.47
C ALA A 14 -2.83 -2.02 -5.32
N ASP A 15 -1.56 -1.77 -5.63
CA ASP A 15 -0.49 -1.81 -4.64
C ASP A 15 -0.94 -1.21 -3.32
N CYS A 16 -1.64 -0.09 -3.39
CA CYS A 16 -2.13 0.55 -2.19
C CYS A 16 -2.75 1.91 -2.48
N CYS A 17 -3.98 2.07 -2.06
CA CYS A 17 -4.71 3.33 -2.26
C CYS A 17 -3.85 4.52 -1.80
N GLU A 18 -4.33 5.72 -2.10
CA GLU A 18 -3.60 6.94 -1.73
C GLU A 18 -3.62 7.18 -0.22
N GLY A 19 -2.48 6.96 0.43
CA GLY A 19 -2.37 7.16 1.85
C GLY A 19 -1.03 6.70 2.39
N TYR A 20 -0.71 5.44 2.13
CA TYR A 20 0.54 4.84 2.56
C TYR A 20 1.52 4.74 1.40
N VAL A 21 2.76 4.38 1.71
CA VAL A 21 3.80 4.27 0.68
C VAL A 21 3.95 2.83 0.19
N CYS A 22 4.80 2.64 -0.82
CA CYS A 22 5.03 1.32 -1.38
C CYS A 22 6.40 0.78 -0.99
N ARG A 23 6.85 1.19 0.20
CA ARG A 23 8.13 0.75 0.73
C ARG A 23 8.06 -0.73 1.10
N LEU A 24 9.00 -1.19 1.94
CA LEU A 24 9.01 -2.58 2.37
C LEU A 24 7.59 -3.04 2.73
N TRP A 25 6.80 -2.10 3.22
CA TRP A 25 5.40 -2.36 3.58
C TRP A 25 4.53 -1.22 3.12
N CYS A 26 3.23 -1.45 3.15
CA CYS A 26 2.27 -0.43 2.79
C CYS A 26 1.98 0.43 4.00
N LYS A 27 3.06 0.94 4.61
CA LYS A 27 2.96 1.79 5.79
C LYS A 27 2.43 3.16 5.46
N LEU A 28 1.86 3.84 6.45
CA LEU A 28 1.36 5.19 6.26
C LEU A 28 2.43 6.08 5.66
N ASP A 29 2.00 7.22 5.17
CA ASP A 29 2.89 8.19 4.54
C ASP A 29 4.05 8.56 5.46
N TRP A 30 5.02 7.65 5.56
CA TRP A 30 6.20 7.87 6.39
C TRP A 30 7.09 8.95 5.82
N ASP A 1 -11.15 -0.87 -5.38
CA ASP A 1 -11.98 -0.43 -4.23
C ASP A 1 -11.24 -0.64 -2.91
N ASP A 2 -11.11 -1.90 -2.49
CA ASP A 2 -10.43 -2.23 -1.26
C ASP A 2 -8.95 -1.89 -1.34
N CYS A 3 -8.38 -2.02 -2.54
CA CYS A 3 -6.97 -1.73 -2.79
C CYS A 3 -6.06 -2.27 -1.69
N GLY A 4 -4.76 -2.00 -1.83
CA GLY A 4 -3.80 -2.47 -0.88
C GLY A 4 -4.18 -2.16 0.56
N LYS A 5 -3.40 -2.69 1.49
CA LYS A 5 -3.63 -2.46 2.91
C LYS A 5 -2.35 -2.05 3.62
N LEU A 6 -2.48 -1.69 4.89
CA LEU A 6 -1.33 -1.27 5.69
C LEU A 6 -0.30 -2.39 5.83
N PHE A 7 0.93 -2.14 5.38
CA PHE A 7 2.00 -3.15 5.46
C PHE A 7 1.78 -4.30 4.49
N SER A 8 0.65 -4.29 3.78
CA SER A 8 0.33 -5.34 2.83
C SER A 8 1.22 -5.27 1.60
N GLY A 9 2.50 -5.58 1.79
CA GLY A 9 3.46 -5.58 0.70
C GLY A 9 3.15 -4.56 -0.38
N CYS A 10 3.46 -4.93 -1.62
CA CYS A 10 3.20 -4.07 -2.77
C CYS A 10 2.65 -4.89 -3.93
N ASP A 11 1.32 -4.97 -4.01
CA ASP A 11 0.65 -5.72 -5.07
C ASP A 11 0.80 -5.03 -6.43
N THR A 12 0.11 -5.58 -7.43
CA THR A 12 0.16 -5.03 -8.78
C THR A 12 -0.57 -3.68 -8.88
N ASN A 13 -1.78 -3.69 -9.46
CA ASN A 13 -2.56 -2.47 -9.61
C ASN A 13 -3.04 -1.94 -8.26
N ALA A 14 -3.89 -2.71 -7.60
CA ALA A 14 -4.43 -2.33 -6.29
C ALA A 14 -3.35 -2.41 -5.20
N ASP A 15 -2.09 -2.30 -5.62
CA ASP A 15 -0.94 -2.37 -4.69
C ASP A 15 -1.25 -1.66 -3.38
N CYS A 16 -1.84 -0.47 -3.48
CA CYS A 16 -2.18 0.30 -2.30
C CYS A 16 -2.69 1.68 -2.67
N CYS A 17 -3.90 1.95 -2.22
CA CYS A 17 -4.55 3.25 -2.48
C CYS A 17 -3.58 4.39 -2.19
N GLU A 18 -3.94 5.59 -2.64
CA GLU A 18 -3.10 6.77 -2.44
C GLU A 18 -3.09 7.21 -0.98
N GLY A 19 -2.01 6.89 -0.28
CA GLY A 19 -1.89 7.26 1.12
C GLY A 19 -0.57 6.78 1.71
N TYR A 20 -0.36 5.47 1.65
CA TYR A 20 0.85 4.86 2.17
C TYR A 20 1.89 4.69 1.07
N VAL A 21 3.12 4.37 1.47
CA VAL A 21 4.21 4.19 0.52
C VAL A 21 4.31 2.75 0.04
N CYS A 22 5.14 2.51 -0.96
CA CYS A 22 5.32 1.17 -1.51
C CYS A 22 6.68 0.61 -1.12
N ARG A 23 7.16 1.01 0.06
CA ARG A 23 8.44 0.54 0.56
C ARG A 23 8.33 -0.93 0.95
N LEU A 24 9.17 -1.39 1.89
CA LEU A 24 9.13 -2.78 2.34
C LEU A 24 7.69 -3.19 2.65
N TRP A 25 6.88 -2.21 3.05
CA TRP A 25 5.48 -2.45 3.36
C TRP A 25 4.62 -1.30 2.87
N CYS A 26 3.32 -1.49 3.01
CA CYS A 26 2.36 -0.48 2.64
C CYS A 26 2.13 0.41 3.85
N LYS A 27 3.22 0.96 4.36
CA LYS A 27 3.20 1.82 5.53
C LYS A 27 2.61 3.20 5.21
N LEU A 28 1.88 3.77 6.17
CA LEU A 28 1.27 5.08 6.00
C LEU A 28 2.35 6.15 5.82
N ASP A 29 1.95 7.25 5.23
CA ASP A 29 2.85 8.36 4.98
C ASP A 29 3.30 9.01 6.29
N TRP A 30 4.16 8.30 7.03
CA TRP A 30 4.66 8.81 8.30
C TRP A 30 5.45 10.10 8.10
N ASP A 1 -10.79 -0.73 -5.40
CA ASP A 1 -11.21 -0.01 -4.17
C ASP A 1 -10.49 -0.54 -2.94
N ASP A 2 -10.16 -1.83 -2.96
CA ASP A 2 -9.46 -2.46 -1.85
C ASP A 2 -8.06 -1.89 -1.70
N CYS A 3 -7.28 -1.93 -2.78
CA CYS A 3 -5.90 -1.42 -2.81
C CYS A 3 -5.11 -1.82 -1.57
N GLY A 4 -3.79 -1.60 -1.64
CA GLY A 4 -2.91 -1.95 -0.55
C GLY A 4 -3.47 -1.65 0.82
N LYS A 5 -2.81 -2.18 1.84
CA LYS A 5 -3.22 -1.97 3.22
C LYS A 5 -2.01 -1.79 4.12
N LEU A 6 -2.26 -1.45 5.38
CA LEU A 6 -1.19 -1.24 6.35
C LEU A 6 -0.14 -2.36 6.28
N PHE A 7 0.95 -2.11 5.55
CA PHE A 7 2.03 -3.10 5.43
C PHE A 7 1.64 -4.26 4.52
N SER A 8 0.45 -4.19 3.92
CA SER A 8 -0.02 -5.23 3.02
C SER A 8 0.76 -5.23 1.72
N GLY A 9 2.03 -5.62 1.82
CA GLY A 9 2.92 -5.67 0.65
C GLY A 9 2.59 -4.64 -0.40
N CYS A 10 2.78 -5.02 -1.66
CA CYS A 10 2.51 -4.13 -2.77
C CYS A 10 2.17 -4.91 -4.04
N ASP A 11 0.90 -5.28 -4.18
CA ASP A 11 0.44 -6.04 -5.33
C ASP A 11 0.47 -5.19 -6.60
N THR A 12 -0.08 -5.74 -7.69
CA THR A 12 -0.12 -5.04 -8.96
C THR A 12 -1.09 -3.86 -8.92
N ASN A 13 -2.35 -4.13 -9.23
CA ASN A 13 -3.37 -3.09 -9.23
C ASN A 13 -3.54 -2.49 -7.83
N ALA A 14 -3.95 -3.33 -6.88
CA ALA A 14 -4.14 -2.90 -5.50
C ALA A 14 -2.82 -2.61 -4.80
N ASP A 15 -1.77 -2.33 -5.58
CA ASP A 15 -0.44 -2.06 -5.04
C ASP A 15 -0.51 -1.24 -3.76
N CYS A 16 -1.13 -0.07 -3.83
CA CYS A 16 -1.25 0.79 -2.65
C CYS A 16 -2.00 2.06 -2.97
N CYS A 17 -3.12 2.24 -2.29
CA CYS A 17 -3.96 3.42 -2.48
C CYS A 17 -3.17 4.70 -2.22
N GLU A 18 -3.78 5.83 -2.58
CA GLU A 18 -3.15 7.14 -2.41
C GLU A 18 -3.07 7.56 -0.93
N GLY A 19 -2.39 6.76 -0.12
CA GLY A 19 -2.24 7.09 1.28
C GLY A 19 -0.94 6.57 1.85
N TYR A 20 -0.83 5.25 1.93
CA TYR A 20 0.37 4.62 2.45
C TYR A 20 1.41 4.47 1.35
N VAL A 21 2.68 4.31 1.75
CA VAL A 21 3.77 4.17 0.81
C VAL A 21 3.78 2.78 0.18
N CYS A 22 4.78 2.51 -0.65
CA CYS A 22 4.89 1.21 -1.30
C CYS A 22 6.32 0.69 -1.27
N ARG A 23 7.06 1.09 -0.26
CA ARG A 23 8.44 0.65 -0.10
C ARG A 23 8.47 -0.83 0.31
N LEU A 24 8.94 -1.14 1.52
CA LEU A 24 8.99 -2.51 1.99
C LEU A 24 7.57 -3.00 2.28
N TRP A 25 6.70 -2.07 2.67
CA TRP A 25 5.32 -2.37 2.99
C TRP A 25 4.41 -1.24 2.56
N CYS A 26 3.12 -1.46 2.72
CA CYS A 26 2.12 -0.46 2.42
C CYS A 26 1.82 0.30 3.69
N LYS A 27 2.89 0.82 4.31
CA LYS A 27 2.80 1.57 5.56
C LYS A 27 2.19 2.96 5.32
N LEU A 28 1.47 3.46 6.32
CA LEU A 28 0.87 4.79 6.22
C LEU A 28 1.93 5.83 5.92
N ASP A 29 1.48 6.93 5.34
CA ASP A 29 2.37 8.04 4.97
C ASP A 29 3.04 8.64 6.20
N TRP A 30 4.01 7.93 6.75
CA TRP A 30 4.73 8.39 7.93
C TRP A 30 5.62 9.58 7.59
N ASP A 1 -10.11 -0.84 -6.03
CA ASP A 1 -10.71 -0.06 -4.92
C ASP A 1 -10.15 -0.48 -3.58
N ASP A 2 -10.12 -1.79 -3.33
CA ASP A 2 -9.60 -2.32 -2.08
C ASP A 2 -8.16 -1.85 -1.84
N CYS A 3 -7.35 -1.88 -2.90
CA CYS A 3 -5.95 -1.46 -2.83
C CYS A 3 -5.22 -2.02 -1.62
N GLY A 4 -3.89 -1.88 -1.61
CA GLY A 4 -3.10 -2.39 -0.53
C GLY A 4 -3.60 -1.98 0.84
N LYS A 5 -3.06 -2.64 1.86
CA LYS A 5 -3.42 -2.35 3.24
C LYS A 5 -2.18 -2.13 4.08
N LEU A 6 -2.37 -1.56 5.26
CA LEU A 6 -1.25 -1.28 6.18
C LEU A 6 -0.23 -2.42 6.23
N PHE A 7 0.97 -2.16 5.70
CA PHE A 7 2.05 -3.17 5.68
C PHE A 7 1.75 -4.35 4.75
N SER A 8 0.54 -4.39 4.20
CA SER A 8 0.15 -5.48 3.31
C SER A 8 0.87 -5.39 1.97
N GLY A 9 2.16 -5.73 1.98
CA GLY A 9 2.96 -5.70 0.76
C GLY A 9 2.55 -4.62 -0.21
N CYS A 10 2.69 -4.93 -1.51
CA CYS A 10 2.32 -3.99 -2.56
C CYS A 10 2.02 -4.73 -3.86
N ASP A 11 0.76 -5.10 -4.05
CA ASP A 11 0.34 -5.82 -5.25
C ASP A 11 0.38 -4.91 -6.47
N THR A 12 -0.03 -5.45 -7.61
CA THR A 12 -0.05 -4.70 -8.86
C THR A 12 -1.13 -3.63 -8.85
N ASN A 13 -2.34 -4.01 -9.22
CA ASN A 13 -3.47 -3.08 -9.25
C ASN A 13 -3.66 -2.43 -7.89
N ALA A 14 -3.83 -3.26 -6.86
CA ALA A 14 -4.01 -2.79 -5.50
C ALA A 14 -2.71 -2.22 -4.93
N ASP A 15 -1.88 -1.67 -5.82
CA ASP A 15 -0.59 -1.09 -5.48
C ASP A 15 -0.68 -0.05 -4.36
N CYS A 16 -1.24 -0.48 -3.25
CA CYS A 16 -1.39 0.37 -2.08
C CYS A 16 -2.22 1.61 -2.36
N CYS A 17 -3.30 1.75 -1.61
CA CYS A 17 -4.20 2.90 -1.74
C CYS A 17 -3.41 4.21 -1.82
N GLU A 18 -4.07 5.26 -2.30
CA GLU A 18 -3.44 6.57 -2.43
C GLU A 18 -3.19 7.21 -1.07
N GLY A 19 -2.42 6.55 -0.22
CA GLY A 19 -2.11 7.09 1.09
C GLY A 19 -0.77 6.62 1.60
N TYR A 20 -0.68 5.32 1.87
CA TYR A 20 0.56 4.72 2.35
C TYR A 20 1.53 4.52 1.21
N VAL A 21 2.82 4.37 1.54
CA VAL A 21 3.85 4.19 0.53
C VAL A 21 3.87 2.76 0.00
N CYS A 22 4.64 2.54 -1.06
CA CYS A 22 4.75 1.21 -1.66
C CYS A 22 6.12 0.61 -1.39
N ARG A 23 6.70 0.97 -0.26
CA ARG A 23 8.00 0.45 0.15
C ARG A 23 7.88 -1.02 0.52
N LEU A 24 8.80 -1.53 1.33
CA LEU A 24 8.77 -2.93 1.76
C LEU A 24 7.35 -3.30 2.21
N TRP A 25 6.62 -2.31 2.72
CA TRP A 25 5.25 -2.52 3.18
C TRP A 25 4.37 -1.37 2.77
N CYS A 26 3.09 -1.54 3.04
CA CYS A 26 2.11 -0.51 2.76
C CYS A 26 2.02 0.39 3.98
N LYS A 27 3.16 0.97 4.32
CA LYS A 27 3.30 1.85 5.48
C LYS A 27 2.62 3.21 5.23
N LEU A 28 1.99 3.75 6.25
CA LEU A 28 1.34 5.05 6.14
C LEU A 28 2.34 6.13 5.79
N ASP A 29 1.84 7.21 5.21
CA ASP A 29 2.68 8.33 4.82
C ASP A 29 3.27 9.04 6.03
N TRP A 30 4.21 8.39 6.69
CA TRP A 30 4.85 8.96 7.88
C TRP A 30 5.54 10.28 7.54
N ASP A 1 -11.14 -0.43 -4.89
CA ASP A 1 -11.68 0.07 -3.60
C ASP A 1 -10.84 -0.44 -2.43
N ASP A 2 -10.66 -1.75 -2.36
CA ASP A 2 -9.88 -2.36 -1.29
C ASP A 2 -8.40 -1.94 -1.39
N CYS A 3 -7.80 -2.20 -2.54
CA CYS A 3 -6.39 -1.87 -2.79
C CYS A 3 -5.50 -2.17 -1.59
N GLY A 4 -4.23 -1.78 -1.70
CA GLY A 4 -3.27 -2.03 -0.66
C GLY A 4 -3.82 -1.82 0.75
N LYS A 5 -3.03 -2.21 1.73
CA LYS A 5 -3.40 -2.06 3.14
C LYS A 5 -2.19 -1.66 3.97
N LEU A 6 -2.34 -1.69 5.29
CA LEU A 6 -1.25 -1.32 6.19
C LEU A 6 -0.15 -2.37 6.17
N PHE A 7 0.97 -2.08 5.48
CA PHE A 7 2.09 -3.01 5.41
C PHE A 7 1.80 -4.19 4.48
N SER A 8 0.63 -4.18 3.85
CA SER A 8 0.25 -5.27 2.95
C SER A 8 1.08 -5.24 1.67
N GLY A 9 2.36 -5.56 1.81
CA GLY A 9 3.28 -5.59 0.68
C GLY A 9 2.93 -4.60 -0.42
N CYS A 10 3.22 -4.98 -1.66
CA CYS A 10 2.93 -4.13 -2.81
C CYS A 10 2.36 -4.97 -3.96
N ASP A 11 1.03 -5.05 -4.04
CA ASP A 11 0.37 -5.82 -5.09
C ASP A 11 0.52 -5.16 -6.46
N THR A 12 -0.10 -5.76 -7.47
CA THR A 12 -0.03 -5.26 -8.84
C THR A 12 -0.82 -3.96 -9.01
N ASN A 13 -2.05 -4.07 -9.48
CA ASN A 13 -2.91 -2.90 -9.70
C ASN A 13 -3.32 -2.26 -8.38
N ALA A 14 -4.14 -2.97 -7.62
CA ALA A 14 -4.60 -2.48 -6.32
C ALA A 14 -3.48 -2.45 -5.28
N ASP A 15 -2.24 -2.36 -5.78
CA ASP A 15 -1.06 -2.35 -4.92
C ASP A 15 -1.29 -1.55 -3.65
N CYS A 16 -1.38 -0.24 -3.79
CA CYS A 16 -1.61 0.62 -2.63
C CYS A 16 -2.24 1.94 -3.03
N CYS A 17 -3.46 2.17 -2.57
CA CYS A 17 -4.17 3.41 -2.87
C CYS A 17 -3.31 4.63 -2.51
N GLU A 18 -3.75 5.81 -2.93
CA GLU A 18 -3.03 7.04 -2.67
C GLU A 18 -3.08 7.43 -1.19
N GLY A 19 -2.15 6.89 -0.41
CA GLY A 19 -2.09 7.21 1.01
C GLY A 19 -0.79 6.75 1.64
N TYR A 20 -0.57 5.44 1.60
CA TYR A 20 0.63 4.83 2.16
C TYR A 20 1.70 4.68 1.08
N VAL A 21 2.91 4.30 1.51
CA VAL A 21 4.02 4.12 0.58
C VAL A 21 4.09 2.69 0.08
N CYS A 22 5.09 2.40 -0.76
CA CYS A 22 5.25 1.07 -1.32
C CYS A 22 6.69 0.57 -1.15
N ARG A 23 7.34 1.05 -0.10
CA ARG A 23 8.71 0.65 0.20
C ARG A 23 8.75 -0.81 0.65
N LEU A 24 9.21 -1.06 1.89
CA LEU A 24 9.25 -2.41 2.41
C LEU A 24 7.84 -2.93 2.68
N TRP A 25 6.92 -1.99 2.89
CA TRP A 25 5.53 -2.32 3.16
C TRP A 25 4.60 -1.24 2.63
N CYS A 26 3.31 -1.53 2.74
CA CYS A 26 2.28 -0.59 2.34
C CYS A 26 1.93 0.24 3.58
N LYS A 27 2.98 0.76 4.20
CA LYS A 27 2.88 1.56 5.42
C LYS A 27 2.31 2.95 5.14
N LEU A 28 1.54 3.47 6.10
CA LEU A 28 0.97 4.80 5.99
C LEU A 28 2.05 5.86 5.93
N ASP A 29 1.69 7.00 5.38
CA ASP A 29 2.63 8.12 5.25
C ASP A 29 3.03 8.67 6.61
N TRP A 30 3.83 7.91 7.35
CA TRP A 30 4.29 8.32 8.67
C TRP A 30 5.07 9.63 8.59
N ASP A 1 -10.37 -1.67 -5.52
CA ASP A 1 -11.21 -0.98 -4.50
C ASP A 1 -10.55 -1.00 -3.13
N ASP A 2 -10.32 -2.20 -2.60
CA ASP A 2 -9.69 -2.36 -1.30
C ASP A 2 -8.25 -1.85 -1.32
N CYS A 3 -7.59 -2.04 -2.47
CA CYS A 3 -6.19 -1.61 -2.67
C CYS A 3 -5.32 -1.93 -1.46
N GLY A 4 -4.05 -1.55 -1.56
CA GLY A 4 -3.11 -1.80 -0.50
C GLY A 4 -3.66 -1.57 0.89
N LYS A 5 -2.90 -2.00 1.89
CA LYS A 5 -3.28 -1.84 3.29
C LYS A 5 -2.05 -1.51 4.13
N LEU A 6 -2.20 -1.51 5.44
CA LEU A 6 -1.08 -1.21 6.32
C LEU A 6 -0.04 -2.32 6.30
N PHE A 7 1.07 -2.11 5.58
CA PHE A 7 2.14 -3.10 5.50
C PHE A 7 1.75 -4.29 4.61
N SER A 8 0.58 -4.22 3.99
CA SER A 8 0.11 -5.28 3.11
C SER A 8 0.92 -5.32 1.82
N GLY A 9 2.18 -5.73 1.95
CA GLY A 9 3.07 -5.83 0.80
C GLY A 9 2.78 -4.80 -0.27
N CYS A 10 2.99 -5.19 -1.53
CA CYS A 10 2.75 -4.31 -2.65
C CYS A 10 2.16 -5.06 -3.84
N ASP A 11 0.84 -5.03 -3.96
CA ASP A 11 0.14 -5.71 -5.05
C ASP A 11 0.41 -5.04 -6.39
N THR A 12 -0.22 -5.56 -7.44
CA THR A 12 -0.05 -5.01 -8.79
C THR A 12 -0.72 -3.64 -8.92
N ASN A 13 -1.96 -3.63 -9.42
CA ASN A 13 -2.71 -2.38 -9.61
C ASN A 13 -3.10 -1.79 -8.26
N ALA A 14 -3.94 -2.51 -7.53
CA ALA A 14 -4.41 -2.06 -6.22
C ALA A 14 -3.29 -2.10 -5.17
N ASP A 15 -2.04 -2.07 -5.64
CA ASP A 15 -0.87 -2.12 -4.76
C ASP A 15 -1.09 -1.31 -3.48
N CYS A 16 -1.22 -0.01 -3.63
CA CYS A 16 -1.44 0.85 -2.48
C CYS A 16 -2.13 2.15 -2.87
N CYS A 17 -3.33 2.35 -2.33
CA CYS A 17 -4.11 3.55 -2.62
C CYS A 17 -3.30 4.81 -2.32
N GLU A 18 -3.87 5.97 -2.66
CA GLU A 18 -3.20 7.24 -2.44
C GLU A 18 -3.11 7.60 -0.95
N GLY A 19 -2.41 6.77 -0.18
CA GLY A 19 -2.26 7.02 1.24
C GLY A 19 -0.93 6.52 1.76
N TYR A 20 -0.78 5.20 1.77
CA TYR A 20 0.44 4.56 2.23
C TYR A 20 1.43 4.41 1.07
N VAL A 21 2.70 4.19 1.40
CA VAL A 21 3.73 4.03 0.39
C VAL A 21 3.76 2.60 -0.16
N CYS A 22 4.81 2.26 -0.88
CA CYS A 22 4.95 0.92 -1.46
C CYS A 22 6.36 0.39 -1.26
N ARG A 23 7.01 0.84 -0.21
CA ARG A 23 8.37 0.38 0.10
C ARG A 23 8.33 -1.07 0.56
N LEU A 24 9.14 -1.42 1.56
CA LEU A 24 9.15 -2.79 2.08
C LEU A 24 7.72 -3.23 2.43
N TRP A 25 6.88 -2.25 2.74
CA TRP A 25 5.49 -2.51 3.08
C TRP A 25 4.60 -1.39 2.57
N CYS A 26 3.31 -1.60 2.74
CA CYS A 26 2.32 -0.62 2.37
C CYS A 26 1.97 0.21 3.59
N LYS A 27 3.02 0.78 4.17
CA LYS A 27 2.95 1.60 5.38
C LYS A 27 2.33 2.97 5.10
N LEU A 28 1.62 3.50 6.08
CA LEU A 28 1.00 4.81 5.97
C LEU A 28 2.05 5.89 5.77
N ASP A 29 1.63 7.00 5.19
CA ASP A 29 2.53 8.12 4.93
C ASP A 29 3.00 8.76 6.23
N TRP A 30 3.86 8.05 6.96
CA TRP A 30 4.37 8.56 8.23
C TRP A 30 5.17 9.84 8.02
N ASP A 1 -10.46 0.47 -2.06
CA ASP A 1 -10.54 -0.53 -0.97
C ASP A 1 -9.69 -1.76 -1.27
N ASP A 2 -9.75 -2.23 -2.51
CA ASP A 2 -8.99 -3.39 -2.93
C ASP A 2 -7.49 -3.09 -2.90
N CYS A 3 -7.13 -1.84 -3.16
CA CYS A 3 -5.74 -1.42 -3.16
C CYS A 3 -5.04 -1.78 -1.86
N GLY A 4 -3.72 -1.65 -1.86
CA GLY A 4 -2.92 -1.97 -0.72
C GLY A 4 -3.54 -1.55 0.61
N LYS A 5 -2.96 -2.06 1.69
CA LYS A 5 -3.42 -1.75 3.04
C LYS A 5 -2.23 -1.58 3.97
N LEU A 6 -2.51 -1.18 5.21
CA LEU A 6 -1.47 -0.97 6.21
C LEU A 6 -0.45 -2.13 6.21
N PHE A 7 0.67 -1.94 5.50
CA PHE A 7 1.72 -2.97 5.43
C PHE A 7 1.32 -4.12 4.51
N SER A 8 0.14 -4.03 3.89
CA SER A 8 -0.33 -5.08 3.00
C SER A 8 0.46 -5.10 1.70
N GLY A 9 1.71 -5.57 1.79
CA GLY A 9 2.58 -5.66 0.62
C GLY A 9 2.32 -4.59 -0.43
N CYS A 10 2.52 -4.95 -1.68
CA CYS A 10 2.30 -4.03 -2.79
C CYS A 10 2.12 -4.80 -4.11
N ASP A 11 0.87 -5.21 -4.37
CA ASP A 11 0.57 -5.95 -5.59
C ASP A 11 0.66 -5.08 -6.82
N THR A 12 0.18 -5.59 -7.95
CA THR A 12 0.21 -4.85 -9.22
C THR A 12 -0.75 -3.67 -9.19
N ASN A 13 -2.01 -3.94 -9.51
CA ASN A 13 -3.04 -2.90 -9.53
C ASN A 13 -3.27 -2.36 -8.13
N ALA A 14 -3.70 -3.24 -7.23
CA ALA A 14 -3.95 -2.86 -5.83
C ALA A 14 -2.65 -2.58 -5.07
N ASP A 15 -1.60 -2.21 -5.81
CA ASP A 15 -0.29 -1.93 -5.22
C ASP A 15 -0.40 -1.20 -3.89
N CYS A 16 -1.08 -0.06 -3.89
CA CYS A 16 -1.24 0.71 -2.66
C CYS A 16 -2.12 1.93 -2.84
N CYS A 17 -3.17 1.99 -2.06
CA CYS A 17 -4.12 3.11 -2.09
C CYS A 17 -3.38 4.45 -2.03
N GLU A 18 -4.05 5.50 -2.48
CA GLU A 18 -3.46 6.84 -2.48
C GLU A 18 -3.31 7.40 -1.07
N GLY A 19 -2.56 6.70 -0.22
CA GLY A 19 -2.34 7.17 1.14
C GLY A 19 -0.99 6.74 1.67
N TYR A 20 -0.83 5.44 1.86
CA TYR A 20 0.41 4.88 2.35
C TYR A 20 1.42 4.74 1.21
N VAL A 21 2.67 4.39 1.55
CA VAL A 21 3.72 4.23 0.56
C VAL A 21 3.73 2.82 -0.01
N CYS A 22 4.61 2.57 -0.97
CA CYS A 22 4.73 1.26 -1.58
C CYS A 22 6.10 0.64 -1.33
N ARG A 23 6.68 0.99 -0.19
CA ARG A 23 7.98 0.46 0.19
C ARG A 23 7.85 -1.03 0.54
N LEU A 24 8.72 -1.54 1.43
CA LEU A 24 8.64 -2.94 1.83
C LEU A 24 7.21 -3.30 2.19
N TRP A 25 6.45 -2.32 2.65
CA TRP A 25 5.06 -2.50 3.03
C TRP A 25 4.22 -1.33 2.56
N CYS A 26 2.92 -1.48 2.73
CA CYS A 26 1.99 -0.42 2.40
C CYS A 26 1.77 0.40 3.66
N LYS A 27 2.88 0.86 4.24
CA LYS A 27 2.89 1.65 5.47
C LYS A 27 2.38 3.06 5.23
N LEU A 28 1.70 3.61 6.24
CA LEU A 28 1.18 4.97 6.16
C LEU A 28 2.31 5.97 5.94
N ASP A 29 1.95 7.12 5.41
CA ASP A 29 2.91 8.18 5.13
C ASP A 29 3.52 8.72 6.42
N TRP A 30 4.39 7.94 7.05
CA TRP A 30 5.03 8.34 8.29
C TRP A 30 5.81 9.63 8.11
N ASP A 1 -11.59 -2.50 -6.23
CA ASP A 1 -11.82 -1.35 -5.31
C ASP A 1 -10.89 -1.41 -4.11
N ASP A 2 -10.74 -2.59 -3.54
CA ASP A 2 -9.88 -2.78 -2.38
C ASP A 2 -8.41 -2.54 -2.75
N CYS A 3 -7.79 -1.59 -2.07
CA CYS A 3 -6.40 -1.26 -2.33
C CYS A 3 -5.50 -1.69 -1.17
N GLY A 4 -4.20 -1.47 -1.33
CA GLY A 4 -3.24 -1.85 -0.33
C GLY A 4 -3.69 -1.59 1.09
N LYS A 5 -2.95 -2.15 2.04
CA LYS A 5 -3.25 -1.99 3.46
C LYS A 5 -1.97 -1.83 4.26
N LEU A 6 -2.11 -1.45 5.53
CA LEU A 6 -0.96 -1.25 6.41
C LEU A 6 0.05 -2.40 6.30
N PHE A 7 1.17 -2.15 5.61
CA PHE A 7 2.21 -3.17 5.45
C PHE A 7 1.76 -4.31 4.52
N SER A 8 0.57 -4.19 3.95
CA SER A 8 0.05 -5.23 3.07
C SER A 8 0.82 -5.25 1.74
N GLY A 9 2.07 -5.67 1.82
CA GLY A 9 2.93 -5.76 0.65
C GLY A 9 2.64 -4.69 -0.39
N CYS A 10 2.84 -5.05 -1.66
CA CYS A 10 2.59 -4.14 -2.76
C CYS A 10 2.06 -4.89 -3.97
N ASP A 11 0.77 -5.22 -3.93
CA ASP A 11 0.13 -5.95 -5.02
C ASP A 11 0.29 -5.24 -6.35
N THR A 12 -0.42 -5.70 -7.37
CA THR A 12 -0.34 -5.12 -8.71
C THR A 12 -1.00 -3.74 -8.73
N ASN A 13 -2.27 -3.69 -9.14
CA ASN A 13 -3.00 -2.43 -9.22
C ASN A 13 -3.30 -1.88 -7.83
N ALA A 14 -3.99 -2.67 -7.02
CA ALA A 14 -4.35 -2.28 -5.66
C ALA A 14 -3.14 -2.23 -4.73
N ASP A 15 -1.94 -2.13 -5.30
CA ASP A 15 -0.70 -2.08 -4.53
C ASP A 15 -0.88 -1.25 -3.26
N CYS A 16 -1.45 -0.06 -3.41
CA CYS A 16 -1.68 0.80 -2.27
C CYS A 16 -2.31 2.12 -2.70
N CYS A 17 -3.47 2.40 -2.13
CA CYS A 17 -4.18 3.63 -2.42
C CYS A 17 -3.25 4.83 -2.30
N GLU A 18 -3.71 5.98 -2.76
CA GLU A 18 -2.91 7.20 -2.71
C GLU A 18 -2.76 7.69 -1.27
N GLY A 19 -2.11 6.90 -0.42
CA GLY A 19 -1.92 7.30 0.95
C GLY A 19 -0.57 6.89 1.51
N TYR A 20 -0.34 5.59 1.60
CA TYR A 20 0.90 5.08 2.13
C TYR A 20 1.94 4.95 1.03
N VAL A 21 3.10 4.39 1.39
CA VAL A 21 4.18 4.21 0.42
C VAL A 21 4.12 2.80 -0.17
N CYS A 22 5.20 2.37 -0.82
CA CYS A 22 5.24 1.04 -1.42
C CYS A 22 6.63 0.45 -1.33
N ARG A 23 7.36 0.84 -0.30
CA ARG A 23 8.72 0.33 -0.09
C ARG A 23 8.67 -1.14 0.33
N LEU A 24 9.16 -1.46 1.52
CA LEU A 24 9.13 -2.83 2.01
C LEU A 24 7.69 -3.24 2.34
N TRP A 25 6.84 -2.25 2.57
CA TRP A 25 5.44 -2.49 2.90
C TRP A 25 4.58 -1.30 2.53
N CYS A 26 3.28 -1.48 2.72
CA CYS A 26 2.33 -0.41 2.49
C CYS A 26 2.35 0.47 3.73
N LYS A 27 3.46 1.15 3.89
CA LYS A 27 3.73 2.03 5.02
C LYS A 27 2.92 3.30 4.94
N LEU A 28 1.90 3.42 5.80
CA LEU A 28 1.07 4.61 5.83
C LEU A 28 1.92 5.87 5.90
N ASP A 29 1.30 6.98 5.56
CA ASP A 29 1.98 8.27 5.57
C ASP A 29 2.45 8.62 6.98
N TRP A 30 3.51 7.94 7.43
CA TRP A 30 4.06 8.18 8.76
C TRP A 30 4.74 9.53 8.85
N ASP A 1 -10.04 -1.42 -5.88
CA ASP A 1 -10.89 -0.76 -4.84
C ASP A 1 -10.27 -0.89 -3.46
N ASP A 2 -10.18 -2.12 -2.96
CA ASP A 2 -9.60 -2.38 -1.65
C ASP A 2 -8.19 -1.83 -1.55
N CYS A 3 -7.47 -1.84 -2.68
CA CYS A 3 -6.09 -1.36 -2.76
C CYS A 3 -5.24 -1.80 -1.58
N GLY A 4 -3.94 -1.53 -1.67
CA GLY A 4 -3.01 -1.91 -0.65
C GLY A 4 -3.53 -1.69 0.76
N LYS A 5 -2.81 -2.25 1.73
CA LYS A 5 -3.20 -2.11 3.14
C LYS A 5 -1.97 -1.92 4.02
N LEU A 6 -2.20 -1.58 5.28
CA LEU A 6 -1.12 -1.36 6.24
C LEU A 6 -0.06 -2.47 6.15
N PHE A 7 1.05 -2.17 5.48
CA PHE A 7 2.15 -3.15 5.34
C PHE A 7 1.78 -4.30 4.40
N SER A 8 0.59 -4.23 3.81
CA SER A 8 0.15 -5.28 2.89
C SER A 8 0.93 -5.26 1.59
N GLY A 9 2.22 -5.59 1.70
CA GLY A 9 3.12 -5.64 0.55
C GLY A 9 2.73 -4.67 -0.56
N CYS A 10 2.99 -5.09 -1.79
CA CYS A 10 2.68 -4.29 -2.97
C CYS A 10 2.05 -5.16 -4.05
N ASP A 11 0.78 -5.51 -3.85
CA ASP A 11 0.04 -6.35 -4.79
C ASP A 11 0.02 -5.74 -6.19
N THR A 12 -0.87 -6.24 -7.04
CA THR A 12 -1.00 -5.75 -8.41
C THR A 12 -1.42 -4.29 -8.43
N ASN A 13 -2.29 -3.90 -9.38
CA ASN A 13 -2.75 -2.52 -9.49
C ASN A 13 -3.08 -1.94 -8.12
N ALA A 14 -3.68 -2.76 -7.27
CA ALA A 14 -4.04 -2.35 -5.92
C ALA A 14 -2.80 -2.20 -5.03
N ASP A 15 -1.64 -1.97 -5.66
CA ASP A 15 -0.39 -1.82 -4.95
C ASP A 15 -0.54 -1.06 -3.64
N CYS A 16 -1.20 0.09 -3.71
CA CYS A 16 -1.42 0.90 -2.52
C CYS A 16 -2.15 2.19 -2.85
N CYS A 17 -3.29 2.36 -2.19
CA CYS A 17 -4.13 3.54 -2.37
C CYS A 17 -3.33 4.83 -2.15
N GLU A 18 -3.93 5.96 -2.51
CA GLU A 18 -3.30 7.25 -2.36
C GLU A 18 -3.17 7.69 -0.90
N GLY A 19 -2.45 6.90 -0.10
CA GLY A 19 -2.25 7.24 1.29
C GLY A 19 -0.94 6.70 1.82
N TYR A 20 -0.85 5.38 1.91
CA TYR A 20 0.35 4.71 2.38
C TYR A 20 1.29 4.41 1.21
N VAL A 21 2.58 4.32 1.51
CA VAL A 21 3.58 4.03 0.48
C VAL A 21 3.52 2.57 0.06
N CYS A 22 4.50 2.12 -0.72
CA CYS A 22 4.53 0.73 -1.16
C CYS A 22 5.95 0.20 -1.24
N ARG A 23 6.81 0.73 -0.38
CA ARG A 23 8.20 0.28 -0.33
C ARG A 23 8.27 -1.13 0.25
N LEU A 24 9.01 -1.31 1.35
CA LEU A 24 9.10 -2.63 1.98
C LEU A 24 7.70 -3.09 2.40
N TRP A 25 6.81 -2.12 2.59
CA TRP A 25 5.42 -2.39 2.98
C TRP A 25 4.53 -1.24 2.57
N CYS A 26 3.24 -1.46 2.73
CA CYS A 26 2.27 -0.44 2.44
C CYS A 26 2.06 0.40 3.71
N LYS A 27 3.15 1.00 4.14
CA LYS A 27 3.18 1.84 5.35
C LYS A 27 2.47 3.17 5.14
N LEU A 28 1.90 3.70 6.21
CA LEU A 28 1.21 4.98 6.17
C LEU A 28 2.21 6.13 6.00
N ASP A 29 1.69 7.26 5.60
CA ASP A 29 2.51 8.45 5.38
C ASP A 29 3.07 8.96 6.71
N TRP A 30 4.04 8.23 7.25
CA TRP A 30 4.67 8.60 8.52
C TRP A 30 5.13 10.05 8.50
N ASP A 1 -11.36 -2.17 -6.23
CA ASP A 1 -11.88 -1.25 -5.18
C ASP A 1 -11.06 -1.34 -3.90
N ASP A 2 -11.08 -2.51 -3.27
CA ASP A 2 -10.35 -2.74 -2.04
C ASP A 2 -8.84 -2.65 -2.29
N CYS A 3 -8.31 -1.43 -2.34
CA CYS A 3 -6.89 -1.22 -2.57
C CYS A 3 -6.05 -1.90 -1.50
N GLY A 4 -4.73 -1.78 -1.63
CA GLY A 4 -3.84 -2.39 -0.71
C GLY A 4 -4.15 -2.07 0.75
N LYS A 5 -3.46 -2.75 1.66
CA LYS A 5 -3.66 -2.55 3.08
C LYS A 5 -2.35 -2.14 3.76
N LEU A 6 -2.43 -1.83 5.05
CA LEU A 6 -1.26 -1.41 5.82
C LEU A 6 -0.23 -2.53 5.93
N PHE A 7 1.00 -2.26 5.50
CA PHE A 7 2.07 -3.27 5.57
C PHE A 7 1.87 -4.38 4.54
N SER A 8 0.73 -4.38 3.86
CA SER A 8 0.43 -5.40 2.86
C SER A 8 1.29 -5.24 1.62
N GLY A 9 2.58 -5.53 1.77
CA GLY A 9 3.53 -5.44 0.66
C GLY A 9 3.13 -4.41 -0.38
N CYS A 10 3.39 -4.74 -1.65
CA CYS A 10 3.06 -3.86 -2.76
C CYS A 10 2.38 -4.63 -3.88
N ASP A 11 1.05 -4.60 -3.90
CA ASP A 11 0.26 -5.29 -4.91
C ASP A 11 0.41 -4.66 -6.28
N THR A 12 -0.10 -5.34 -7.31
CA THR A 12 -0.03 -4.85 -8.68
C THR A 12 -0.94 -3.64 -8.89
N ASN A 13 -2.20 -3.90 -9.22
CA ASN A 13 -3.18 -2.85 -9.47
C ASN A 13 -3.54 -2.12 -8.17
N ALA A 14 -4.18 -2.84 -7.26
CA ALA A 14 -4.59 -2.28 -5.97
C ALA A 14 -3.39 -2.04 -5.06
N ASP A 15 -2.25 -1.72 -5.69
CA ASP A 15 -0.98 -1.46 -4.99
C ASP A 15 -1.14 -0.39 -3.92
N CYS A 16 -2.06 -0.64 -3.02
CA CYS A 16 -2.32 0.27 -1.91
C CYS A 16 -2.73 1.65 -2.38
N CYS A 17 -3.89 2.07 -1.92
CA CYS A 17 -4.44 3.38 -2.27
C CYS A 17 -3.37 4.47 -2.16
N GLU A 18 -3.67 5.63 -2.74
CA GLU A 18 -2.74 6.76 -2.74
C GLU A 18 -2.59 7.37 -1.34
N GLY A 19 -1.91 6.67 -0.45
CA GLY A 19 -1.69 7.18 0.90
C GLY A 19 -0.38 6.72 1.47
N TYR A 20 -0.29 5.42 1.72
CA TYR A 20 0.92 4.81 2.27
C TYR A 20 1.98 4.65 1.18
N VAL A 21 3.21 4.40 1.60
CA VAL A 21 4.31 4.23 0.66
C VAL A 21 4.39 2.80 0.15
N CYS A 22 5.23 2.58 -0.87
CA CYS A 22 5.39 1.25 -1.44
C CYS A 22 6.72 0.65 -1.03
N ARG A 23 7.18 1.01 0.16
CA ARG A 23 8.43 0.50 0.69
C ARG A 23 8.29 -0.97 1.05
N LEU A 24 9.19 -1.48 1.90
CA LEU A 24 9.14 -2.89 2.32
C LEU A 24 7.70 -3.30 2.64
N TRP A 25 6.91 -2.32 3.11
CA TRP A 25 5.51 -2.55 3.44
C TRP A 25 4.65 -1.39 2.98
N CYS A 26 3.36 -1.58 3.15
CA CYS A 26 2.40 -0.55 2.82
C CYS A 26 2.23 0.36 4.03
N LYS A 27 3.35 0.95 4.45
CA LYS A 27 3.39 1.84 5.60
C LYS A 27 2.74 3.18 5.29
N LEU A 28 2.01 3.72 6.26
CA LEU A 28 1.35 5.02 6.09
C LEU A 28 2.38 6.11 5.83
N ASP A 29 1.90 7.20 5.25
CA ASP A 29 2.75 8.34 4.94
C ASP A 29 3.31 8.98 6.20
N TRP A 30 4.28 8.31 6.81
CA TRP A 30 4.91 8.81 8.04
C TRP A 30 5.44 10.23 7.84
N ASP A 1 -10.73 -0.60 -5.38
CA ASP A 1 -11.37 -0.07 -4.14
C ASP A 1 -10.64 -0.56 -2.89
N ASP A 2 -10.31 -1.84 -2.87
CA ASP A 2 -9.62 -2.44 -1.75
C ASP A 2 -8.21 -1.85 -1.60
N CYS A 3 -7.45 -1.88 -2.70
CA CYS A 3 -6.08 -1.37 -2.74
C CYS A 3 -5.25 -1.79 -1.54
N GLY A 4 -3.94 -1.59 -1.65
CA GLY A 4 -3.03 -1.97 -0.60
C GLY A 4 -3.53 -1.66 0.79
N LYS A 5 -2.85 -2.19 1.79
CA LYS A 5 -3.20 -1.96 3.18
C LYS A 5 -1.96 -1.77 4.04
N LEU A 6 -2.16 -1.38 5.28
CA LEU A 6 -1.06 -1.15 6.21
C LEU A 6 -0.07 -2.31 6.20
N PHE A 7 1.04 -2.13 5.48
CA PHE A 7 2.08 -3.17 5.39
C PHE A 7 1.67 -4.30 4.46
N SER A 8 0.51 -4.20 3.85
CA SER A 8 0.01 -5.23 2.94
C SER A 8 0.81 -5.25 1.65
N GLY A 9 2.06 -5.68 1.76
CA GLY A 9 2.95 -5.77 0.60
C GLY A 9 2.68 -4.73 -0.46
N CYS A 10 2.90 -5.12 -1.72
CA CYS A 10 2.69 -4.23 -2.85
C CYS A 10 2.20 -5.02 -4.06
N ASP A 11 0.88 -5.19 -4.17
CA ASP A 11 0.29 -5.93 -5.27
C ASP A 11 0.40 -5.16 -6.58
N THR A 12 -0.15 -5.74 -7.65
CA THR A 12 -0.12 -5.12 -8.97
C THR A 12 -1.01 -3.88 -9.02
N ASN A 13 -2.29 -4.09 -9.31
CA ASN A 13 -3.26 -3.00 -9.40
C ASN A 13 -3.48 -2.37 -8.03
N ALA A 14 -4.06 -3.15 -7.12
CA ALA A 14 -4.33 -2.69 -5.77
C ALA A 14 -3.05 -2.53 -4.94
N ASP A 15 -1.92 -2.34 -5.64
CA ASP A 15 -0.62 -2.19 -5.00
C ASP A 15 -0.70 -1.37 -3.72
N CYS A 16 -1.25 -0.18 -3.81
CA CYS A 16 -1.37 0.69 -2.65
C CYS A 16 -2.15 1.95 -2.96
N CYS A 17 -3.22 2.16 -2.21
CA CYS A 17 -4.07 3.33 -2.39
C CYS A 17 -3.28 4.62 -2.18
N GLU A 18 -3.92 5.74 -2.52
CA GLU A 18 -3.30 7.05 -2.38
C GLU A 18 -3.14 7.48 -0.93
N GLY A 19 -2.41 6.69 -0.15
CA GLY A 19 -2.19 7.04 1.25
C GLY A 19 -0.87 6.53 1.75
N TYR A 20 -0.75 5.21 1.83
CA TYR A 20 0.48 4.57 2.28
C TYR A 20 1.46 4.40 1.13
N VAL A 21 2.74 4.26 1.45
CA VAL A 21 3.78 4.10 0.43
C VAL A 21 3.81 2.68 -0.09
N CYS A 22 4.76 2.40 -0.99
CA CYS A 22 4.90 1.06 -1.57
C CYS A 22 6.30 0.52 -1.36
N ARG A 23 6.92 0.92 -0.27
CA ARG A 23 8.26 0.46 0.06
C ARG A 23 8.22 -1.02 0.46
N LEU A 24 9.05 -1.43 1.42
CA LEU A 24 9.04 -2.82 1.87
C LEU A 24 7.61 -3.25 2.21
N TRP A 25 6.79 -2.27 2.60
CA TRP A 25 5.40 -2.51 2.94
C TRP A 25 4.52 -1.37 2.49
N CYS A 26 3.23 -1.55 2.65
CA CYS A 26 2.27 -0.52 2.33
C CYS A 26 2.03 0.30 3.59
N LYS A 27 3.12 0.85 4.11
CA LYS A 27 3.11 1.64 5.32
C LYS A 27 2.46 3.00 5.10
N LEU A 28 1.75 3.49 6.12
CA LEU A 28 1.08 4.79 6.05
C LEU A 28 2.09 5.90 5.80
N ASP A 29 1.60 7.01 5.28
CA ASP A 29 2.45 8.16 4.97
C ASP A 29 3.04 8.75 6.25
N TRP A 30 4.02 8.06 6.83
CA TRP A 30 4.67 8.51 8.05
C TRP A 30 5.27 9.90 7.86
#